data_2OBA
#
_entry.id   2OBA
#
_cell.length_a   76.082
_cell.length_b   87.521
_cell.length_c   124.670
_cell.angle_alpha   90.000
_cell.angle_beta   90.000
_cell.angle_gamma   90.000
#
_symmetry.space_group_name_H-M   'P 21 21 21'
#
loop_
_entity.id
_entity.type
_entity.pdbx_description
1 polymer 'Probable 6-pyruvoyl tetrahydrobiopterin synthase'
2 non-polymer 'ZINC ION'
3 water water
#
_entity_poly.entity_id   1
_entity_poly.type   'polypeptide(L)'
_entity_poly.pdbx_seq_one_letter_code
;(MSE)GSSHHHHHHSSGLVPRGSH(MSE)ELFKEFTFESAHRLPHVPEGHKCGRLHGHSFRVAIHIEGEVDPHTGWIRDF
AEIKAIFKPIYEQLDHNYLNDIPGLENPTSENLCRWIWQQLKPLLPELSKVRVHETCTSGCEYRGD
;
_entity_poly.pdbx_strand_id   A,B,C,D,E,F
#
# COMPACT_ATOMS: atom_id res chain seq x y z
N SER A 19 13.49 -27.98 8.79
CA SER A 19 14.11 -26.79 8.07
C SER A 19 14.29 -25.50 8.88
N HIS A 20 13.38 -25.16 9.77
CA HIS A 20 13.50 -23.89 10.55
C HIS A 20 13.30 -22.57 9.78
N GLU A 22 10.66 -18.63 9.82
CA GLU A 22 10.01 -17.60 10.60
C GLU A 22 8.70 -17.24 9.91
N LEU A 23 7.61 -17.33 10.65
CA LEU A 23 6.27 -17.04 10.17
C LEU A 23 5.87 -15.69 10.72
N PHE A 24 4.99 -14.98 10.03
CA PHE A 24 4.33 -13.87 10.69
C PHE A 24 2.89 -13.64 10.30
N LYS A 25 2.18 -13.01 11.23
CA LYS A 25 0.79 -12.66 11.05
C LYS A 25 0.57 -11.25 11.55
N GLU A 26 -0.09 -10.45 10.73
CA GLU A 26 -0.30 -9.06 11.03
C GLU A 26 -1.78 -8.71 11.41
N PHE A 27 -1.94 -7.84 12.41
CA PHE A 27 -3.26 -7.34 12.85
C PHE A 27 -3.25 -5.81 12.98
N THR A 28 -4.41 -5.20 12.78
CA THR A 28 -4.61 -3.76 12.92
C THR A 28 -5.65 -3.43 14.00
N PHE A 29 -5.26 -2.67 15.00
CA PHE A 29 -6.26 -2.18 15.97
C PHE A 29 -6.39 -0.66 15.99
N GLU A 30 -7.62 -0.20 16.15
CA GLU A 30 -7.98 1.21 16.09
C GLU A 30 -8.10 1.73 17.51
N SER A 31 -7.15 2.54 17.96
CA SER A 31 -7.06 2.97 19.37
C SER A 31 -6.65 4.42 19.58
N ALA A 32 -6.95 4.90 20.78
CA ALA A 32 -6.58 6.23 21.21
C ALA A 32 -5.47 6.04 22.19
N HIS A 33 -4.62 7.04 22.30
CA HIS A 33 -3.65 7.05 23.38
C HIS A 33 -3.11 8.45 23.45
N ARG A 34 -2.32 8.74 24.48
CA ARG A 34 -1.58 10.00 24.65
C ARG A 34 -0.36 9.77 25.57
N LEU A 35 0.72 10.51 25.38
CA LEU A 35 1.92 10.29 26.21
C LEU A 35 1.90 11.30 27.33
N PRO A 36 1.99 10.84 28.60
CA PRO A 36 1.98 11.69 29.81
C PRO A 36 3.25 12.50 30.10
N HIS A 37 4.42 12.07 29.59
CA HIS A 37 5.70 12.68 30.00
C HIS A 37 6.45 13.55 28.99
N VAL A 38 5.74 14.16 28.06
CA VAL A 38 6.36 15.03 27.05
C VAL A 38 6.03 16.47 27.45
N PRO A 39 6.81 17.45 26.97
CA PRO A 39 6.54 18.85 27.29
C PRO A 39 5.12 19.30 26.91
N GLU A 40 4.67 20.39 27.53
CA GLU A 40 3.33 20.95 27.31
C GLU A 40 2.92 21.17 25.83
N GLY A 41 3.84 21.71 25.01
CA GLY A 41 3.52 21.92 23.58
C GLY A 41 3.66 20.72 22.64
N HIS A 42 3.71 19.51 23.18
CA HIS A 42 4.07 18.36 22.35
C HIS A 42 2.84 17.62 21.85
N LYS A 43 2.79 17.39 20.54
CA LYS A 43 1.62 16.81 19.88
C LYS A 43 1.31 15.40 20.38
N CYS A 44 2.34 14.71 20.90
CA CYS A 44 2.25 13.33 21.36
C CYS A 44 1.53 13.26 22.70
N GLY A 45 1.51 14.38 23.42
CA GLY A 45 0.81 14.48 24.69
C GLY A 45 -0.67 14.86 24.58
N ARG A 46 -1.10 15.24 23.38
CA ARG A 46 -2.52 15.49 23.13
C ARG A 46 -3.21 14.13 22.90
N LEU A 47 -4.49 14.02 23.28
CA LEU A 47 -5.29 12.84 23.00
C LEU A 47 -5.39 12.67 21.49
N HIS A 48 -4.91 11.54 20.99
CA HIS A 48 -5.03 11.24 19.57
C HIS A 48 -5.16 9.71 19.44
N GLY A 49 -4.88 9.18 18.26
CA GLY A 49 -5.07 7.76 18.02
C GLY A 49 -4.50 7.37 16.67
N HIS A 50 -4.53 6.08 16.39
CA HIS A 50 -3.93 5.54 15.15
C HIS A 50 -4.63 4.26 14.79
N SER A 51 -4.48 3.87 13.52
CA SER A 51 -4.66 2.48 13.12
C SER A 51 -3.34 1.75 13.34
N PHE A 52 -3.17 1.20 14.53
CA PHE A 52 -1.94 0.49 14.88
C PHE A 52 -1.88 -0.81 14.10
N ARG A 53 -0.69 -1.19 13.65
CA ARG A 53 -0.50 -2.53 13.09
C ARG A 53 0.47 -3.25 13.99
N VAL A 54 0.19 -4.53 14.22
CA VAL A 54 1.07 -5.38 15.00
C VAL A 54 1.35 -6.65 14.20
N ALA A 55 2.63 -6.90 13.96
CA ALA A 55 3.06 -8.17 13.42
C ALA A 55 3.57 -9.11 14.52
N ILE A 56 3.06 -10.34 14.47
CA ILE A 56 3.44 -11.42 15.39
CA ILE A 56 3.46 -11.40 15.39
C ILE A 56 4.33 -12.40 14.63
N HIS A 57 5.59 -12.53 15.05
CA HIS A 57 6.54 -13.45 14.41
C HIS A 57 6.76 -14.67 15.32
N ILE A 58 6.91 -15.83 14.70
CA ILE A 58 7.26 -17.06 15.41
C ILE A 58 8.28 -17.82 14.59
N GLU A 59 9.22 -18.44 15.29
CA GLU A 59 10.28 -19.26 14.67
C GLU A 59 10.14 -20.68 15.12
N GLY A 60 10.40 -21.62 14.22
CA GLY A 60 10.35 -23.02 14.60
C GLY A 60 10.66 -23.95 13.48
N GLU A 61 10.75 -25.24 13.80
CA GLU A 61 11.00 -26.31 12.84
C GLU A 61 9.71 -26.58 12.09
N VAL A 62 9.79 -26.63 10.77
CA VAL A 62 8.61 -26.86 9.95
C VAL A 62 8.24 -28.33 10.02
N ASP A 63 7.01 -28.60 10.46
CA ASP A 63 6.53 -29.97 10.61
C ASP A 63 6.51 -30.71 9.25
N PRO A 64 7.20 -31.87 9.20
CA PRO A 64 7.22 -32.69 7.99
C PRO A 64 5.83 -33.05 7.45
N HIS A 65 4.92 -33.62 8.45
CA HIS A 65 3.59 -34.03 7.98
C HIS A 65 2.61 -32.89 7.63
N THR A 66 2.64 -31.75 8.45
CA THR A 66 1.62 -30.71 8.18
C THR A 66 2.10 -29.66 7.17
N GLY A 67 3.45 -29.85 6.82
CA GLY A 67 4.07 -28.74 6.02
C GLY A 67 4.05 -27.34 6.67
N TRP A 68 3.90 -27.26 7.99
CA TRP A 68 4.01 -25.94 8.64
C TRP A 68 4.56 -25.89 10.09
N ILE A 69 4.94 -24.70 10.57
CA ILE A 69 5.38 -24.52 11.95
C ILE A 69 4.17 -24.53 12.86
N ARG A 70 3.27 -23.57 12.63
CA ARG A 70 1.99 -23.51 13.31
C ARG A 70 0.90 -22.89 12.40
N ASP A 71 -0.31 -23.46 12.47
CA ASP A 71 -1.48 -22.91 11.78
C ASP A 71 -1.62 -21.41 12.11
N PHE A 72 -1.73 -20.57 11.08
CA PHE A 72 -1.93 -19.10 11.26
C PHE A 72 -3.16 -18.86 12.14
N ALA A 73 -4.19 -19.68 11.96
CA ALA A 73 -5.46 -19.57 12.65
C ALA A 73 -5.37 -19.78 14.16
N GLU A 74 -4.40 -20.56 14.60
CA GLU A 74 -4.16 -20.75 16.03
C GLU A 74 -3.51 -19.50 16.62
N ILE A 75 -2.75 -18.78 15.80
CA ILE A 75 -2.10 -17.52 16.20
C ILE A 75 -3.14 -16.40 16.29
N LYS A 76 -4.19 -16.49 15.47
CA LYS A 76 -5.27 -15.52 15.46
C LYS A 76 -6.13 -15.74 16.70
N ALA A 77 -6.31 -17.01 17.05
CA ALA A 77 -7.20 -17.38 18.17
C ALA A 77 -6.59 -17.07 19.53
N ILE A 78 -5.28 -17.29 19.62
CA ILE A 78 -4.50 -16.97 20.80
C ILE A 78 -4.42 -15.45 21.00
N PHE A 79 -4.19 -14.71 19.91
CA PHE A 79 -4.12 -13.25 19.99
C PHE A 79 -5.44 -12.53 20.30
N LYS A 80 -6.55 -13.08 19.84
CA LYS A 80 -7.88 -12.46 19.94
C LYS A 80 -8.25 -11.72 21.23
N PRO A 81 -8.14 -12.38 22.43
CA PRO A 81 -8.48 -11.66 23.66
C PRO A 81 -7.58 -10.46 23.91
N ILE A 82 -6.31 -10.52 23.48
CA ILE A 82 -5.36 -9.40 23.62
C ILE A 82 -5.70 -8.28 22.61
N TYR A 83 -5.93 -8.70 21.37
CA TYR A 83 -6.45 -7.83 20.35
C TYR A 83 -7.69 -7.07 20.81
N GLU A 84 -8.65 -7.78 21.41
CA GLU A 84 -9.91 -7.18 21.89
C GLU A 84 -9.74 -6.15 23.04
N GLN A 85 -8.77 -6.36 23.95
CA GLN A 85 -8.36 -5.34 24.93
C GLN A 85 -7.87 -4.04 24.25
N LEU A 86 -7.13 -4.20 23.17
CA LEU A 86 -6.48 -3.07 22.51
C LEU A 86 -7.39 -2.33 21.55
N ASP A 87 -8.12 -3.10 20.73
CA ASP A 87 -8.92 -2.57 19.63
C ASP A 87 -10.12 -1.76 20.11
N HIS A 88 -10.33 -0.60 19.47
CA HIS A 88 -11.45 0.26 19.79
C HIS A 88 -11.46 0.61 21.27
N ASN A 89 -10.28 0.90 21.81
CA ASN A 89 -10.17 1.26 23.21
C ASN A 89 -9.15 2.40 23.39
N TYR A 90 -9.03 2.89 24.62
CA TYR A 90 -8.07 3.92 24.99
C TYR A 90 -6.96 3.19 25.72
N LEU A 91 -5.77 3.22 25.14
CA LEU A 91 -4.65 2.41 25.60
C LEU A 91 -4.22 2.80 27.01
N ASN A 92 -4.32 4.09 27.35
CA ASN A 92 -3.90 4.57 28.66
C ASN A 92 -4.68 3.98 29.82
N ASP A 93 -5.81 3.33 29.54
CA ASP A 93 -6.68 2.74 30.60
C ASP A 93 -6.34 1.28 30.91
N ILE A 94 -5.50 0.66 30.09
CA ILE A 94 -5.06 -0.71 30.35
C ILE A 94 -3.95 -0.64 31.41
N PRO A 95 -4.06 -1.43 32.48
CA PRO A 95 -2.94 -1.46 33.44
C PRO A 95 -1.55 -1.77 32.79
N GLY A 96 -0.59 -0.92 33.05
CA GLY A 96 0.77 -1.05 32.56
C GLY A 96 1.06 -0.15 31.37
N LEU A 97 0.00 0.43 30.76
CA LEU A 97 0.11 1.28 29.57
C LEU A 97 -0.31 2.71 29.80
N GLU A 98 0.04 3.26 30.96
CA GLU A 98 -0.18 4.64 31.26
C GLU A 98 0.84 5.54 30.51
N ASN A 99 1.95 4.94 30.07
CA ASN A 99 2.87 5.54 29.10
C ASN A 99 2.92 4.69 27.79
N PRO A 100 1.87 4.80 26.95
CA PRO A 100 1.73 3.87 25.82
C PRO A 100 2.59 4.24 24.60
N THR A 101 3.89 4.34 24.79
CA THR A 101 4.76 4.57 23.66
C THR A 101 4.70 3.31 22.78
N SER A 102 5.16 3.41 21.54
CA SER A 102 5.32 2.25 20.66
C SER A 102 6.17 1.20 21.29
N GLU A 103 7.28 1.61 21.88
CA GLU A 103 8.13 0.70 22.65
C GLU A 103 7.45 -0.07 23.78
N ASN A 104 6.63 0.61 24.57
CA ASN A 104 5.95 0.00 25.73
C ASN A 104 4.82 -0.89 25.31
N LEU A 105 4.22 -0.54 24.16
CA LEU A 105 3.19 -1.31 23.56
C LEU A 105 3.75 -2.63 22.98
N CYS A 106 4.95 -2.59 22.40
CA CYS A 106 5.65 -3.80 21.96
C CYS A 106 5.92 -4.73 23.10
N ARG A 107 6.48 -4.17 24.18
CA ARG A 107 6.78 -4.92 25.37
C ARG A 107 5.53 -5.57 25.94
N TRP A 108 4.47 -4.78 26.11
CA TRP A 108 3.24 -5.26 26.66
C TRP A 108 2.65 -6.40 25.80
N ILE A 109 2.54 -6.22 24.47
CA ILE A 109 2.05 -7.27 23.58
C ILE A 109 2.89 -8.57 23.64
N TRP A 110 4.21 -8.40 23.69
CA TRP A 110 5.15 -9.50 23.85
C TRP A 110 4.82 -10.26 25.15
N GLN A 111 4.66 -9.50 26.23
CA GLN A 111 4.45 -10.10 27.54
C GLN A 111 3.13 -10.85 27.62
N GLN A 112 2.09 -10.28 27.02
CA GLN A 112 0.77 -10.93 26.95
C GLN A 112 0.80 -12.24 26.16
N LEU A 113 1.63 -12.30 25.12
CA LEU A 113 1.59 -13.39 24.14
C LEU A 113 2.49 -14.53 24.50
N LYS A 114 3.64 -14.17 25.05
CA LYS A 114 4.74 -15.11 25.22
C LYS A 114 4.34 -16.36 25.98
N PRO A 115 3.56 -16.24 27.10
CA PRO A 115 3.21 -17.48 27.81
C PRO A 115 2.27 -18.43 27.05
N LEU A 116 1.57 -17.88 26.05
CA LEU A 116 0.53 -18.57 25.31
C LEU A 116 1.07 -19.06 23.99
N LEU A 117 2.26 -18.59 23.64
CA LEU A 117 2.86 -18.78 22.35
C LEU A 117 4.38 -18.80 22.55
N PRO A 118 4.92 -19.94 23.04
CA PRO A 118 6.36 -20.06 23.31
C PRO A 118 7.30 -19.73 22.14
N GLU A 119 6.86 -20.00 20.91
CA GLU A 119 7.72 -19.79 19.76
C GLU A 119 7.78 -18.33 19.28
N LEU A 120 7.08 -17.43 19.98
CA LEU A 120 7.14 -16.03 19.72
C LEU A 120 8.59 -15.60 19.60
N SER A 121 8.93 -14.95 18.48
CA SER A 121 10.30 -14.48 18.24
C SER A 121 10.40 -12.96 18.08
N LYS A 122 9.29 -12.31 17.80
CA LYS A 122 9.32 -10.89 17.48
C LYS A 122 7.93 -10.28 17.48
N VAL A 123 7.81 -9.11 18.11
CA VAL A 123 6.63 -8.24 17.98
C VAL A 123 7.04 -6.92 17.35
N ARG A 124 6.30 -6.51 16.31
CA ARG A 124 6.53 -5.26 15.60
C ARG A 124 5.25 -4.43 15.73
N VAL A 125 5.33 -3.21 16.25
CA VAL A 125 4.16 -2.33 16.13
C VAL A 125 4.43 -1.08 15.27
N HIS A 126 3.50 -0.80 14.37
CA HIS A 126 3.52 0.39 13.56
C HIS A 126 2.44 1.35 14.01
N GLU A 127 2.83 2.39 14.77
CA GLU A 127 1.93 3.49 15.11
C GLU A 127 1.33 4.20 13.88
N THR A 128 2.17 4.48 12.89
CA THR A 128 1.77 5.09 11.60
C THR A 128 2.37 4.34 10.40
N CYS A 129 2.01 4.74 9.18
CA CYS A 129 2.49 4.08 7.96
C CYS A 129 3.98 4.24 7.71
N THR A 130 4.62 5.20 8.36
CA THR A 130 6.03 5.53 8.10
C THR A 130 6.89 5.38 9.36
N SER A 131 6.41 4.61 10.31
CA SER A 131 7.13 4.39 11.56
C SER A 131 6.86 2.97 12.09
N GLY A 132 7.79 2.46 12.91
CA GLY A 132 7.79 1.08 13.38
C GLY A 132 8.70 0.89 14.61
N CYS A 133 8.31 -0.05 15.48
CA CYS A 133 9.14 -0.48 16.58
C CYS A 133 9.12 -2.01 16.66
N GLU A 134 10.24 -2.58 17.06
CA GLU A 134 10.41 -4.04 17.07
C GLU A 134 11.07 -4.52 18.36
N TYR A 135 10.51 -5.56 18.99
CA TYR A 135 11.00 -6.17 20.24
C TYR A 135 11.15 -7.68 20.04
N ARG A 136 12.27 -8.23 20.54
CA ARG A 136 12.56 -9.67 20.54
C ARG A 136 12.74 -10.31 21.93
N GLY A 137 12.17 -9.75 23.00
CA GLY A 137 12.45 -10.24 24.37
C GLY A 137 13.82 -9.95 24.94
N ASP A 138 14.67 -9.23 24.20
CA ASP A 138 16.03 -8.89 24.62
C ASP A 138 15.96 -7.57 25.40
N GLY B 18 34.19 -1.82 -0.70
CA GLY B 18 34.22 -2.96 0.26
C GLY B 18 32.94 -3.19 1.07
N SER B 19 32.18 -2.13 1.32
CA SER B 19 30.96 -2.20 2.16
C SER B 19 30.07 -3.41 1.88
N HIS B 20 29.63 -4.03 2.97
CA HIS B 20 28.69 -5.15 2.92
C HIS B 20 27.23 -4.66 3.06
N GLU B 22 22.73 -5.69 2.02
CA GLU B 22 21.70 -6.60 1.57
C GLU B 22 20.82 -5.92 0.54
N LEU B 23 20.48 -6.66 -0.51
CA LEU B 23 19.54 -6.24 -1.52
C LEU B 23 18.35 -7.18 -1.55
N PHE B 24 17.23 -6.67 -2.01
CA PHE B 24 16.10 -7.52 -2.29
C PHE B 24 15.30 -7.00 -3.48
N LYS B 25 14.54 -7.94 -4.07
CA LYS B 25 13.70 -7.69 -5.21
C LYS B 25 12.43 -8.51 -5.05
N GLU B 26 11.28 -7.91 -5.34
CA GLU B 26 10.00 -8.55 -5.07
C GLU B 26 9.27 -8.97 -6.34
N PHE B 27 8.54 -10.08 -6.26
CA PHE B 27 7.74 -10.60 -7.37
C PHE B 27 6.35 -11.00 -6.86
N THR B 28 5.32 -10.78 -7.68
CA THR B 28 4.01 -11.32 -7.37
C THR B 28 3.70 -12.41 -8.36
N PHE B 29 3.08 -13.48 -7.86
CA PHE B 29 2.47 -14.48 -8.73
C PHE B 29 1.05 -14.87 -8.31
N GLU B 30 0.20 -15.04 -9.32
CA GLU B 30 -1.22 -15.27 -9.15
C GLU B 30 -1.48 -16.76 -9.40
N SER B 31 -1.64 -17.51 -8.31
CA SER B 31 -1.69 -18.95 -8.35
C SER B 31 -2.86 -19.51 -7.54
N ALA B 32 -3.22 -20.75 -7.87
CA ALA B 32 -4.15 -21.53 -7.08
C ALA B 32 -3.39 -22.53 -6.23
N HIS B 33 -3.91 -22.87 -5.07
CA HIS B 33 -3.37 -24.02 -4.34
C HIS B 33 -4.41 -24.61 -3.41
N ARG B 34 -4.02 -25.64 -2.68
CA ARG B 34 -4.95 -26.46 -1.93
C ARG B 34 -4.04 -27.23 -0.98
N LEU B 35 -4.46 -27.31 0.29
CA LEU B 35 -3.71 -28.05 1.29
C LEU B 35 -4.31 -29.45 1.54
N PRO B 36 -3.53 -30.52 1.33
CA PRO B 36 -4.03 -31.89 1.39
C PRO B 36 -4.18 -32.51 2.80
N HIS B 37 -3.51 -31.94 3.80
CA HIS B 37 -3.47 -32.58 5.12
C HIS B 37 -4.33 -31.95 6.23
N VAL B 38 -4.89 -30.78 5.96
CA VAL B 38 -5.83 -30.12 6.88
C VAL B 38 -7.17 -30.88 7.01
N PRO B 39 -7.88 -30.72 8.16
CA PRO B 39 -9.19 -31.37 8.41
C PRO B 39 -10.26 -31.13 7.32
N GLU B 40 -11.27 -32.00 7.28
CA GLU B 40 -12.22 -32.10 6.14
C GLU B 40 -13.05 -30.83 5.79
N GLY B 41 -13.34 -29.99 6.79
CA GLY B 41 -14.04 -28.72 6.53
C GLY B 41 -13.17 -27.45 6.52
N HIS B 42 -11.88 -27.61 6.80
CA HIS B 42 -10.94 -26.49 6.88
C HIS B 42 -10.95 -25.77 5.54
N LYS B 43 -10.92 -24.44 5.58
CA LYS B 43 -11.02 -23.63 4.36
C LYS B 43 -9.78 -23.74 3.47
N CYS B 44 -8.61 -23.94 4.08
CA CYS B 44 -7.37 -24.11 3.32
C CYS B 44 -7.35 -25.37 2.45
N GLY B 45 -8.25 -26.32 2.78
CA GLY B 45 -8.35 -27.58 2.08
C GLY B 45 -9.20 -27.52 0.83
N ARG B 46 -9.96 -26.43 0.67
CA ARG B 46 -10.74 -26.22 -0.55
C ARG B 46 -9.82 -25.61 -1.59
N LEU B 47 -10.10 -25.87 -2.86
CA LEU B 47 -9.38 -25.22 -3.95
C LEU B 47 -9.58 -23.69 -3.85
N HIS B 48 -8.47 -22.97 -3.69
CA HIS B 48 -8.49 -21.51 -3.62
C HIS B 48 -7.22 -20.93 -4.26
N GLY B 49 -6.92 -19.65 -4.07
CA GLY B 49 -5.75 -19.06 -4.69
C GLY B 49 -5.36 -17.76 -4.03
N HIS B 50 -4.22 -17.19 -4.41
CA HIS B 50 -3.75 -15.90 -3.85
C HIS B 50 -2.94 -15.14 -4.86
N SER B 51 -2.78 -13.83 -4.62
CA SER B 51 -1.68 -13.10 -5.19
C SER B 51 -0.44 -13.26 -4.28
N PHE B 52 0.35 -14.33 -4.50
CA PHE B 52 1.56 -14.53 -3.70
C PHE B 52 2.63 -13.48 -3.98
N ARG B 53 3.30 -13.00 -2.93
CA ARG B 53 4.47 -12.15 -3.07
C ARG B 53 5.64 -12.94 -2.52
N VAL B 54 6.78 -12.83 -3.20
CA VAL B 54 8.04 -13.42 -2.79
C VAL B 54 9.12 -12.37 -2.94
N ALA B 55 9.85 -12.13 -1.87
CA ALA B 55 10.96 -11.24 -1.96
C ALA B 55 12.22 -12.11 -1.95
N ILE B 56 13.14 -11.78 -2.84
CA ILE B 56 14.42 -12.48 -2.92
C ILE B 56 15.54 -11.56 -2.40
N HIS B 57 16.23 -12.02 -1.36
CA HIS B 57 17.28 -11.24 -0.71
C HIS B 57 18.67 -11.83 -0.99
N ILE B 58 19.64 -10.93 -1.20
CA ILE B 58 21.06 -11.28 -1.32
C ILE B 58 21.92 -10.37 -0.45
N GLU B 59 23.10 -10.85 -0.09
CA GLU B 59 24.11 -10.06 0.59
C GLU B 59 25.42 -10.20 -0.19
N GLY B 60 26.21 -9.13 -0.21
CA GLY B 60 27.58 -9.17 -0.73
C GLY B 60 28.24 -7.82 -0.58
N GLU B 61 29.42 -7.67 -1.21
CA GLU B 61 30.19 -6.43 -1.14
C GLU B 61 29.88 -5.55 -2.34
N VAL B 62 29.90 -4.23 -2.16
CA VAL B 62 29.64 -3.35 -3.26
C VAL B 62 30.95 -3.09 -4.00
N ASP B 63 30.86 -3.17 -5.32
CA ASP B 63 31.99 -2.95 -6.20
C ASP B 63 32.23 -1.44 -6.28
N PRO B 64 33.49 -1.01 -6.22
CA PRO B 64 33.76 0.42 -6.28
C PRO B 64 33.41 1.05 -7.63
N HIS B 65 33.44 0.27 -8.72
CA HIS B 65 33.18 0.81 -10.04
C HIS B 65 31.71 0.81 -10.36
N THR B 66 31.07 -0.36 -10.33
CA THR B 66 29.66 -0.41 -10.72
C THR B 66 28.82 0.29 -9.65
N GLY B 67 29.29 0.18 -8.41
CA GLY B 67 28.69 0.83 -7.26
C GLY B 67 27.58 -0.02 -6.71
N TRP B 68 27.50 -1.27 -7.14
CA TRP B 68 26.44 -2.16 -6.69
C TRP B 68 26.93 -3.58 -6.37
N ILE B 69 26.04 -4.39 -5.81
CA ILE B 69 26.36 -5.78 -5.48
C ILE B 69 26.14 -6.57 -6.77
N ARG B 70 24.91 -6.51 -7.27
CA ARG B 70 24.60 -6.90 -8.63
C ARG B 70 23.27 -6.28 -9.03
N ASP B 71 23.13 -6.00 -10.30
CA ASP B 71 21.96 -5.38 -10.86
C ASP B 71 20.70 -6.07 -10.37
N PHE B 72 19.70 -5.28 -9.95
CA PHE B 72 18.41 -5.86 -9.55
C PHE B 72 17.84 -6.69 -10.70
N ALA B 73 18.11 -6.28 -11.94
CA ALA B 73 17.54 -6.92 -13.08
C ALA B 73 18.09 -8.33 -13.27
N GLU B 74 19.28 -8.61 -12.72
CA GLU B 74 19.88 -9.93 -12.84
C GLU B 74 19.19 -10.89 -11.91
N ILE B 75 18.80 -10.39 -10.74
CA ILE B 75 18.04 -11.17 -9.77
C ILE B 75 16.69 -11.55 -10.39
N LYS B 76 15.99 -10.58 -10.98
CA LYS B 76 14.78 -10.85 -11.77
C LYS B 76 15.06 -11.91 -12.84
N ALA B 77 16.05 -11.68 -13.68
CA ALA B 77 16.44 -12.63 -14.74
C ALA B 77 16.71 -14.07 -14.25
N ILE B 78 17.41 -14.20 -13.13
CA ILE B 78 17.71 -15.50 -12.53
C ILE B 78 16.45 -16.23 -12.05
N PHE B 79 15.53 -15.48 -11.43
CA PHE B 79 14.26 -16.03 -10.90
C PHE B 79 13.20 -16.37 -11.96
N LYS B 80 13.28 -15.72 -13.11
CA LYS B 80 12.26 -15.82 -14.15
C LYS B 80 11.77 -17.23 -14.47
N PRO B 81 12.68 -18.20 -14.72
CA PRO B 81 12.22 -19.58 -14.96
C PRO B 81 11.38 -20.19 -13.83
N ILE B 82 11.84 -20.03 -12.58
CA ILE B 82 11.09 -20.48 -11.38
C ILE B 82 9.74 -19.76 -11.29
N TYR B 83 9.76 -18.47 -11.59
CA TYR B 83 8.59 -17.62 -11.47
C TYR B 83 7.51 -18.06 -12.46
N GLU B 84 7.92 -18.38 -13.68
CA GLU B 84 7.03 -18.88 -14.73
C GLU B 84 6.35 -20.22 -14.40
N GLN B 85 7.05 -21.13 -13.71
CA GLN B 85 6.41 -22.34 -13.16
C GLN B 85 5.27 -22.01 -12.19
N LEU B 86 5.50 -20.98 -11.38
CA LEU B 86 4.64 -20.60 -10.29
C LEU B 86 3.42 -19.81 -10.75
N ASP B 87 3.66 -18.81 -11.58
CA ASP B 87 2.65 -17.80 -11.90
C ASP B 87 1.58 -18.34 -12.84
N HIS B 88 0.33 -17.99 -12.58
CA HIS B 88 -0.82 -18.47 -13.35
C HIS B 88 -0.83 -20.00 -13.50
N ASN B 89 -0.67 -20.67 -12.37
CA ASN B 89 -0.60 -22.12 -12.33
C ASN B 89 -1.12 -22.65 -10.99
N TYR B 90 -1.38 -23.96 -10.95
CA TYR B 90 -1.87 -24.68 -9.79
C TYR B 90 -0.68 -25.33 -9.08
N LEU B 91 -0.33 -24.78 -7.92
CA LEU B 91 0.91 -25.11 -7.23
C LEU B 91 1.07 -26.59 -6.89
N ASN B 92 -0.05 -27.25 -6.60
CA ASN B 92 -0.03 -28.69 -6.29
C ASN B 92 0.45 -29.58 -7.41
N ASP B 93 0.45 -29.08 -8.65
CA ASP B 93 0.90 -29.83 -9.85
C ASP B 93 2.40 -29.72 -10.08
N ILE B 94 3.07 -28.89 -9.29
CA ILE B 94 4.49 -28.68 -9.40
C ILE B 94 5.18 -29.74 -8.54
N PRO B 95 6.07 -30.55 -9.17
CA PRO B 95 6.90 -31.50 -8.44
C PRO B 95 7.55 -30.84 -7.22
N GLY B 96 7.36 -31.42 -6.05
CA GLY B 96 7.95 -30.87 -4.82
C GLY B 96 7.03 -29.99 -4.00
N LEU B 97 5.87 -29.61 -4.56
CA LEU B 97 4.89 -28.73 -3.87
C LEU B 97 3.48 -29.34 -3.72
N GLU B 98 3.45 -30.65 -3.43
CA GLU B 98 2.21 -31.41 -3.20
C GLU B 98 1.49 -31.02 -1.88
N ASN B 99 2.21 -30.33 -1.00
CA ASN B 99 1.66 -29.63 0.16
C ASN B 99 2.20 -28.20 0.10
N PRO B 100 1.59 -27.35 -0.75
CA PRO B 100 2.14 -26.03 -1.00
C PRO B 100 1.76 -25.02 0.09
N THR B 101 2.20 -25.27 1.31
CA THR B 101 2.09 -24.26 2.37
C THR B 101 3.09 -23.14 2.10
N SER B 102 3.01 -22.08 2.90
CA SER B 102 3.95 -20.94 2.81
C SER B 102 5.35 -21.40 3.10
N GLU B 103 5.52 -22.13 4.19
CA GLU B 103 6.76 -22.77 4.56
C GLU B 103 7.35 -23.63 3.44
N ASN B 104 6.53 -24.50 2.85
CA ASN B 104 6.99 -25.41 1.81
C ASN B 104 7.37 -24.66 0.55
N LEU B 105 6.67 -23.57 0.27
CA LEU B 105 6.99 -22.73 -0.89
C LEU B 105 8.34 -22.04 -0.73
N CYS B 106 8.60 -21.54 0.47
CA CYS B 106 9.91 -20.96 0.79
C CYS B 106 11.10 -21.89 0.62
N ARG B 107 11.02 -23.08 1.19
CA ARG B 107 12.14 -24.03 1.06
C ARG B 107 12.33 -24.46 -0.40
N TRP B 108 11.21 -24.64 -1.10
CA TRP B 108 11.23 -25.04 -2.50
C TRP B 108 11.93 -23.98 -3.39
N ILE B 109 11.46 -22.73 -3.37
CA ILE B 109 12.13 -21.59 -4.04
C ILE B 109 13.64 -21.47 -3.67
N TRP B 110 13.98 -21.61 -2.38
CA TRP B 110 15.39 -21.69 -1.94
C TRP B 110 16.18 -22.86 -2.55
N GLN B 111 15.58 -24.06 -2.61
CA GLN B 111 16.22 -25.21 -3.28
C GLN B 111 16.46 -24.89 -4.77
N GLN B 112 15.43 -24.35 -5.43
CA GLN B 112 15.52 -23.91 -6.83
C GLN B 112 16.55 -22.81 -7.10
N LEU B 113 16.71 -21.87 -6.17
CA LEU B 113 17.45 -20.64 -6.44
C LEU B 113 18.90 -20.65 -5.99
N LYS B 114 19.19 -21.30 -4.86
CA LYS B 114 20.53 -21.33 -4.32
C LYS B 114 21.65 -21.62 -5.36
N PRO B 115 21.50 -22.69 -6.20
CA PRO B 115 22.59 -23.01 -7.11
C PRO B 115 22.84 -21.94 -8.18
N LEU B 116 21.79 -21.15 -8.47
CA LEU B 116 21.81 -20.10 -9.48
C LEU B 116 22.34 -18.78 -8.94
N LEU B 117 22.13 -18.59 -7.65
CA LEU B 117 22.35 -17.32 -7.01
C LEU B 117 23.04 -17.57 -5.65
N PRO B 118 24.36 -17.75 -5.70
CA PRO B 118 25.06 -18.17 -4.49
C PRO B 118 25.04 -17.16 -3.34
N GLU B 119 24.89 -15.87 -3.63
CA GLU B 119 24.76 -14.85 -2.57
C GLU B 119 23.36 -14.78 -1.87
N LEU B 120 22.47 -15.68 -2.26
CA LEU B 120 21.10 -15.76 -1.75
C LEU B 120 21.18 -15.83 -0.24
N SER B 121 20.38 -15.00 0.43
CA SER B 121 20.45 -14.91 1.89
C SER B 121 19.10 -15.10 2.57
N LYS B 122 18.04 -14.89 1.82
CA LYS B 122 16.68 -14.94 2.34
C LYS B 122 15.63 -15.06 1.23
N VAL B 123 14.66 -15.95 1.44
CA VAL B 123 13.43 -16.00 0.65
C VAL B 123 12.25 -15.71 1.58
N ARG B 124 11.35 -14.85 1.13
CA ARG B 124 10.20 -14.39 1.88
C ARG B 124 8.99 -14.61 0.96
N VAL B 125 7.98 -15.31 1.48
CA VAL B 125 6.72 -15.53 0.76
C VAL B 125 5.58 -14.96 1.61
N HIS B 126 4.69 -14.22 0.95
CA HIS B 126 3.48 -13.70 1.54
C HIS B 126 2.27 -14.27 0.78
N GLU B 127 1.57 -15.20 1.42
CA GLU B 127 0.31 -15.77 0.94
C GLU B 127 -0.75 -14.67 0.85
N THR B 128 -0.84 -13.82 1.86
CA THR B 128 -1.77 -12.68 1.89
C THR B 128 -1.05 -11.39 2.30
N CYS B 129 -1.77 -10.28 2.25
CA CYS B 129 -1.23 -9.00 2.70
C CYS B 129 -0.85 -8.95 4.19
N THR B 130 -1.39 -9.86 4.99
CA THR B 130 -1.20 -9.85 6.46
C THR B 130 -0.48 -11.09 7.01
N SER B 131 0.15 -11.87 6.13
CA SER B 131 0.92 -13.01 6.59
C SER B 131 2.17 -13.23 5.75
N GLY B 132 2.90 -14.30 6.09
CA GLY B 132 4.22 -14.44 5.52
C GLY B 132 5.16 -15.43 6.19
N CYS B 133 6.10 -15.90 5.40
CA CYS B 133 7.09 -16.84 5.82
C CYS B 133 8.43 -16.37 5.29
N GLU B 134 9.46 -16.54 6.11
CA GLU B 134 10.84 -16.16 5.77
C GLU B 134 11.80 -17.35 6.05
N TYR B 135 12.65 -17.65 5.06
CA TYR B 135 13.58 -18.78 5.13
C TYR B 135 14.99 -18.31 4.78
N ARG B 136 15.95 -18.68 5.63
CA ARG B 136 17.38 -18.32 5.48
C ARG B 136 18.29 -19.51 5.21
N GLY B 137 17.73 -20.63 4.70
CA GLY B 137 18.51 -21.84 4.42
C GLY B 137 19.00 -22.64 5.61
N ASP B 138 18.60 -22.22 6.81
CA ASP B 138 19.12 -22.81 8.06
C ASP B 138 18.61 -24.23 8.28
N GLY C 18 18.04 -2.17 30.79
CA GLY C 18 16.98 -1.70 29.84
C GLY C 18 16.82 -2.68 28.70
N SER C 19 15.59 -2.82 28.22
CA SER C 19 15.29 -3.75 27.14
C SER C 19 15.75 -3.11 25.84
N HIS C 20 16.41 -3.90 25.01
CA HIS C 20 16.85 -3.50 23.69
C HIS C 20 15.74 -3.60 22.61
N GLU C 22 14.30 -1.86 18.46
CA GLU C 22 14.67 -1.23 17.22
C GLU C 22 13.50 -0.44 16.70
N LEU C 23 13.78 0.83 16.36
CA LEU C 23 12.76 1.73 15.82
C LEU C 23 13.13 2.24 14.45
N PHE C 24 12.13 2.45 13.60
CA PHE C 24 12.35 3.12 12.32
C PHE C 24 11.42 4.27 12.00
N LYS C 25 11.97 5.24 11.27
CA LYS C 25 11.21 6.30 10.61
C LYS C 25 11.50 6.28 9.11
N GLU C 26 10.46 6.42 8.32
CA GLU C 26 10.59 6.32 6.90
C GLU C 26 10.32 7.67 6.25
N PHE C 27 11.14 8.03 5.26
CA PHE C 27 10.97 9.26 4.51
C PHE C 27 10.88 8.98 3.01
N THR C 28 10.28 9.88 2.24
CA THR C 28 10.20 9.73 0.78
C THR C 28 10.76 10.97 0.10
N PHE C 29 11.69 10.77 -0.82
CA PHE C 29 12.17 11.90 -1.63
C PHE C 29 11.99 11.65 -3.12
N GLU C 30 11.56 12.70 -3.82
CA GLU C 30 11.34 12.66 -5.26
C GLU C 30 12.54 13.25 -6.01
N SER C 31 13.37 12.37 -6.60
CA SER C 31 14.67 12.76 -7.15
C SER C 31 14.97 12.19 -8.53
N ALA C 32 15.85 12.85 -9.27
CA ALA C 32 16.34 12.33 -10.54
C ALA C 32 17.70 11.72 -10.34
N HIS C 33 18.05 10.73 -11.14
CA HIS C 33 19.42 10.25 -11.16
C HIS C 33 19.72 9.54 -12.49
N ARG C 34 20.98 9.12 -12.63
CA ARG C 34 21.48 8.52 -13.85
C ARG C 34 22.72 7.71 -13.42
N LEU C 35 22.88 6.48 -13.91
CA LEU C 35 24.08 5.68 -13.56
C LEU C 35 25.16 5.82 -14.64
N PRO C 36 26.33 6.37 -14.26
CA PRO C 36 27.44 6.60 -15.20
C PRO C 36 28.18 5.36 -15.67
N HIS C 37 28.17 4.29 -14.87
CA HIS C 37 29.02 3.14 -15.17
C HIS C 37 28.29 1.88 -15.60
N VAL C 38 27.08 2.01 -16.11
CA VAL C 38 26.31 0.85 -16.60
C VAL C 38 26.66 0.70 -18.08
N PRO C 39 26.47 -0.50 -18.67
CA PRO C 39 26.80 -0.65 -20.08
C PRO C 39 25.98 0.22 -21.02
N GLU C 40 26.58 0.47 -22.18
CA GLU C 40 25.91 1.06 -23.32
C GLU C 40 24.57 0.34 -23.52
N GLY C 41 23.48 1.10 -23.52
CA GLY C 41 22.15 0.57 -23.84
C GLY C 41 21.29 0.21 -22.63
N HIS C 42 21.90 0.24 -21.46
CA HIS C 42 21.25 -0.09 -20.21
C HIS C 42 20.41 1.14 -19.83
N LYS C 43 19.14 0.87 -19.50
CA LYS C 43 18.14 1.89 -19.15
C LYS C 43 18.54 2.87 -18.03
N CYS C 44 19.38 2.42 -17.09
CA CYS C 44 19.76 3.26 -15.94
C CYS C 44 20.78 4.33 -16.28
N GLY C 45 21.31 4.26 -17.51
CA GLY C 45 22.26 5.23 -18.04
C GLY C 45 21.56 6.45 -18.58
N ARG C 46 20.26 6.35 -18.82
CA ARG C 46 19.45 7.50 -19.22
C ARG C 46 19.10 8.32 -17.96
N LEU C 47 18.92 9.63 -18.12
CA LEU C 47 18.36 10.45 -17.08
C LEU C 47 16.95 9.97 -16.78
N HIS C 48 16.69 9.64 -15.52
CA HIS C 48 15.36 9.27 -15.07
C HIS C 48 15.26 9.60 -13.58
N GLY C 49 14.29 8.99 -12.89
CA GLY C 49 14.06 9.30 -11.49
C GLY C 49 13.13 8.33 -10.80
N HIS C 50 12.97 8.52 -9.48
CA HIS C 50 12.19 7.63 -8.64
C HIS C 50 11.57 8.40 -7.51
N SER C 51 10.49 7.82 -6.97
CA SER C 51 10.01 8.18 -5.65
C SER C 51 10.81 7.31 -4.69
N PHE C 52 11.95 7.80 -4.21
CA PHE C 52 12.79 7.01 -3.30
C PHE C 52 12.21 7.00 -1.89
N ARG C 53 12.20 5.84 -1.24
CA ARG C 53 11.83 5.72 0.16
C ARG C 53 13.08 5.45 0.97
N VAL C 54 13.25 6.11 2.10
CA VAL C 54 14.35 5.71 2.98
C VAL C 54 13.87 5.53 4.38
N ALA C 55 14.25 4.42 5.00
CA ALA C 55 13.99 4.22 6.41
C ALA C 55 15.28 4.36 7.24
N ILE C 56 15.17 5.15 8.30
CA ILE C 56 16.25 5.34 9.27
C ILE C 56 15.96 4.50 10.51
N HIS C 57 16.86 3.57 10.84
CA HIS C 57 16.66 2.68 11.97
C HIS C 57 17.65 3.02 13.06
N ILE C 58 17.19 3.02 14.31
CA ILE C 58 18.08 3.14 15.48
C ILE C 58 17.85 1.95 16.41
N GLU C 59 18.88 1.54 17.15
CA GLU C 59 18.80 0.48 18.16
C GLU C 59 19.28 1.04 19.48
N GLY C 60 18.75 0.54 20.60
CA GLY C 60 19.18 1.00 21.90
C GLY C 60 18.34 0.49 23.03
N GLU C 61 18.66 0.95 24.24
CA GLU C 61 17.93 0.57 25.44
C GLU C 61 16.76 1.51 25.59
N VAL C 62 15.60 0.92 25.91
CA VAL C 62 14.43 1.72 26.16
C VAL C 62 14.53 2.23 27.60
N ASP C 63 14.36 3.53 27.74
CA ASP C 63 14.40 4.21 29.01
C ASP C 63 13.07 3.90 29.74
N PRO C 64 13.17 3.35 30.98
CA PRO C 64 11.97 2.99 31.76
C PRO C 64 11.04 4.16 32.04
N HIS C 65 11.56 5.36 32.25
CA HIS C 65 10.68 6.51 32.54
C HIS C 65 9.99 7.04 31.29
N THR C 66 10.76 7.35 30.25
CA THR C 66 10.21 8.02 29.06
C THR C 66 9.51 7.02 28.13
N GLY C 67 9.93 5.77 28.20
CA GLY C 67 9.31 4.73 27.44
C GLY C 67 9.78 4.79 26.03
N TRP C 68 10.88 5.48 25.81
CA TRP C 68 11.45 5.43 24.47
C TRP C 68 12.97 5.36 24.42
N ILE C 69 13.49 4.98 23.26
CA ILE C 69 14.93 5.04 23.01
C ILE C 69 15.35 6.50 22.70
N ARG C 70 14.66 7.10 21.74
CA ARG C 70 14.90 8.46 21.28
C ARG C 70 13.59 9.03 20.78
N ASP C 71 13.28 10.28 21.14
CA ASP C 71 12.18 11.02 20.50
C ASP C 71 12.34 11.00 18.98
N PHE C 72 11.43 10.29 18.27
CA PHE C 72 11.36 10.31 16.79
C PHE C 72 11.52 11.76 16.26
N ALA C 73 10.84 12.72 16.90
CA ALA C 73 10.87 14.12 16.46
C ALA C 73 12.29 14.72 16.37
N GLU C 74 13.19 14.26 17.24
CA GLU C 74 14.59 14.67 17.16
C GLU C 74 15.27 14.01 15.96
N ILE C 75 14.87 12.78 15.66
CA ILE C 75 15.45 12.06 14.55
C ILE C 75 15.06 12.79 13.27
N LYS C 76 13.77 13.08 13.14
CA LYS C 76 13.23 13.86 12.03
C LYS C 76 14.00 15.20 11.84
N ALA C 77 14.33 15.89 12.93
CA ALA C 77 15.05 17.16 12.89
C ALA C 77 16.51 17.03 12.47
N ILE C 78 17.23 16.07 13.05
CA ILE C 78 18.59 15.74 12.64
C ILE C 78 18.72 15.39 11.13
N PHE C 79 17.81 14.54 10.63
CA PHE C 79 17.83 14.11 9.23
C PHE C 79 17.41 15.18 8.22
N LYS C 80 16.72 16.22 8.67
CA LYS C 80 16.11 17.22 7.79
C LYS C 80 17.03 17.84 6.70
N PRO C 81 18.19 18.43 7.10
CA PRO C 81 19.02 19.04 6.04
C PRO C 81 19.57 18.05 5.03
N ILE C 82 19.76 16.80 5.43
CA ILE C 82 20.20 15.72 4.54
C ILE C 82 19.07 15.37 3.55
N TYR C 83 17.87 15.18 4.09
CA TYR C 83 16.64 14.97 3.34
C TYR C 83 16.42 16.06 2.31
N GLU C 84 16.66 17.31 2.70
CA GLU C 84 16.47 18.45 1.83
C GLU C 84 17.48 18.55 0.67
N GLN C 85 18.67 17.98 0.85
CA GLN C 85 19.65 17.82 -0.24
C GLN C 85 19.16 16.85 -1.31
N LEU C 86 18.49 15.80 -0.88
CA LEU C 86 18.05 14.73 -1.76
C LEU C 86 16.76 15.05 -2.49
N ASP C 87 15.79 15.66 -1.80
CA ASP C 87 14.43 15.80 -2.31
C ASP C 87 14.29 16.89 -3.36
N HIS C 88 13.51 16.58 -4.40
CA HIS C 88 13.34 17.46 -5.56
C HIS C 88 14.68 17.99 -6.09
N ASN C 89 15.64 17.06 -6.22
CA ASN C 89 17.00 17.33 -6.69
C ASN C 89 17.61 16.23 -7.57
N TYR C 90 18.66 16.59 -8.29
CA TYR C 90 19.33 15.66 -9.19
C TYR C 90 20.47 15.06 -8.39
N LEU C 91 20.33 13.78 -8.08
CA LEU C 91 21.28 13.08 -7.19
C LEU C 91 22.74 13.17 -7.63
N ASN C 92 22.98 13.04 -8.94
CA ASN C 92 24.35 13.11 -9.48
C ASN C 92 25.11 14.42 -9.14
N ASP C 93 24.40 15.53 -8.97
CA ASP C 93 25.02 16.83 -8.60
C ASP C 93 25.48 16.90 -7.12
N ILE C 94 25.05 15.94 -6.30
CA ILE C 94 25.45 15.90 -4.89
C ILE C 94 26.84 15.25 -4.73
N PRO C 95 27.76 15.94 -4.03
CA PRO C 95 29.11 15.42 -3.81
C PRO C 95 29.11 14.09 -3.06
N GLY C 96 29.77 13.09 -3.64
CA GLY C 96 29.77 11.73 -3.11
C GLY C 96 28.69 10.86 -3.74
N LEU C 97 27.83 11.45 -4.56
CA LEU C 97 26.77 10.68 -5.22
C LEU C 97 26.91 10.76 -6.74
N GLU C 98 28.15 10.83 -7.21
CA GLU C 98 28.48 10.84 -8.62
C GLU C 98 28.05 9.53 -9.32
N ASN C 99 27.88 8.47 -8.52
CA ASN C 99 27.35 7.19 -9.01
C ASN C 99 26.19 6.74 -8.08
N PRO C 100 25.01 7.39 -8.21
CA PRO C 100 23.94 7.28 -7.20
C PRO C 100 23.13 6.00 -7.26
N THR C 101 23.78 4.87 -7.05
CA THR C 101 23.08 3.60 -6.89
C THR C 101 22.39 3.57 -5.53
N SER C 102 21.50 2.62 -5.31
CA SER C 102 20.88 2.46 -3.98
C SER C 102 21.95 2.22 -2.92
N GLU C 103 22.91 1.38 -3.28
CA GLU C 103 24.05 1.04 -2.44
C GLU C 103 24.80 2.31 -2.00
N ASN C 104 25.19 3.15 -2.95
CA ASN C 104 25.93 4.39 -2.63
C ASN C 104 25.04 5.41 -1.94
N LEU C 105 23.74 5.41 -2.22
CA LEU C 105 22.81 6.23 -1.42
C LEU C 105 22.80 5.78 0.03
N CYS C 106 22.65 4.47 0.26
CA CYS C 106 22.66 3.94 1.62
C CYS C 106 23.89 4.38 2.40
N ARG C 107 25.06 4.20 1.79
CA ARG C 107 26.33 4.50 2.41
C ARG C 107 26.51 6.02 2.62
N TRP C 108 26.24 6.81 1.57
CA TRP C 108 26.24 8.29 1.67
C TRP C 108 25.38 8.78 2.82
N ILE C 109 24.13 8.30 2.89
CA ILE C 109 23.23 8.66 3.97
C ILE C 109 23.78 8.25 5.36
N TRP C 110 24.30 7.03 5.46
CA TRP C 110 24.94 6.57 6.68
C TRP C 110 26.06 7.54 7.13
N GLN C 111 26.96 7.88 6.21
CA GLN C 111 28.13 8.69 6.53
C GLN C 111 27.76 10.10 7.03
N GLN C 112 26.74 10.69 6.43
CA GLN C 112 26.17 11.97 6.85
C GLN C 112 25.45 11.93 8.20
N LEU C 113 24.84 10.80 8.54
CA LEU C 113 23.94 10.72 9.70
C LEU C 113 24.58 10.14 10.97
N LYS C 114 25.42 9.13 10.81
CA LYS C 114 26.08 8.44 11.93
C LYS C 114 26.82 9.38 12.93
N PRO C 115 27.58 10.38 12.43
CA PRO C 115 28.22 11.32 13.36
C PRO C 115 27.22 12.07 14.27
N LEU C 116 26.00 12.26 13.77
CA LEU C 116 24.97 13.06 14.43
C LEU C 116 23.92 12.20 15.12
N LEU C 117 23.89 10.89 14.83
CA LEU C 117 22.94 9.98 15.44
C LEU C 117 23.61 8.68 15.85
N PRO C 118 24.19 8.62 17.07
CA PRO C 118 25.01 7.47 17.46
C PRO C 118 24.24 6.15 17.45
N GLU C 119 22.95 6.20 17.76
CA GLU C 119 22.17 4.97 17.83
C GLU C 119 21.74 4.45 16.44
N LEU C 120 22.06 5.17 15.39
CA LEU C 120 21.81 4.69 14.03
C LEU C 120 22.35 3.28 13.90
N SER C 121 21.48 2.37 13.44
CA SER C 121 21.84 0.94 13.24
C SER C 121 21.57 0.43 11.81
N LYS C 122 20.77 1.15 11.05
CA LYS C 122 20.43 0.70 9.69
C LYS C 122 19.85 1.83 8.84
N VAL C 123 20.31 1.86 7.60
CA VAL C 123 19.73 2.69 6.54
C VAL C 123 19.24 1.77 5.41
N ARG C 124 17.99 1.96 5.03
CA ARG C 124 17.31 1.12 4.07
C ARG C 124 16.80 2.09 2.98
N VAL C 125 17.15 1.84 1.72
CA VAL C 125 16.69 2.63 0.57
C VAL C 125 15.91 1.76 -0.45
N HIS C 126 14.74 2.23 -0.88
CA HIS C 126 13.96 1.63 -1.98
C HIS C 126 13.80 2.59 -3.16
N GLU C 127 14.44 2.29 -4.28
CA GLU C 127 14.22 3.10 -5.47
C GLU C 127 12.88 2.81 -6.15
N THR C 128 12.39 1.56 -6.05
CA THR C 128 11.07 1.20 -6.58
C THR C 128 10.25 0.48 -5.51
N CYS C 129 8.97 0.27 -5.79
CA CYS C 129 8.10 -0.40 -4.84
C CYS C 129 8.39 -1.91 -4.68
N THR C 130 9.29 -2.47 -5.50
CA THR C 130 9.64 -3.90 -5.47
C THR C 130 11.18 -4.15 -5.36
N SER C 131 11.95 -3.11 -5.06
CA SER C 131 13.38 -3.27 -4.94
C SER C 131 13.84 -2.59 -3.66
N GLY C 132 15.04 -2.94 -3.18
CA GLY C 132 15.46 -2.53 -1.85
C GLY C 132 16.91 -2.82 -1.48
N CYS C 133 17.49 -1.91 -0.70
CA CYS C 133 18.86 -2.00 -0.28
C CYS C 133 18.95 -1.64 1.20
N GLU C 134 19.84 -2.30 1.91
CA GLU C 134 19.96 -2.20 3.36
C GLU C 134 21.43 -2.19 3.83
N TYR C 135 21.83 -1.14 4.55
CA TYR C 135 23.19 -1.01 5.03
C TYR C 135 23.24 -0.81 6.54
N ARG C 136 24.09 -1.59 7.19
CA ARG C 136 24.28 -1.58 8.64
C ARG C 136 25.65 -1.01 9.06
N GLY C 137 26.38 -0.40 8.13
CA GLY C 137 27.71 0.14 8.45
C GLY C 137 28.85 -0.85 8.23
N ASP C 138 28.51 -2.08 7.84
CA ASP C 138 29.49 -3.20 7.82
C ASP C 138 30.09 -3.54 6.45
N SER D 19 -8.91 20.19 -21.60
CA SER D 19 -8.48 21.26 -20.65
C SER D 19 -9.24 21.23 -19.32
N HIS D 20 -10.32 20.44 -19.21
CA HIS D 20 -11.00 20.25 -17.91
C HIS D 20 -10.53 19.02 -17.18
N GLU D 22 -9.51 17.00 -13.10
CA GLU D 22 -9.64 16.89 -11.66
C GLU D 22 -8.33 16.44 -10.97
N LEU D 23 -7.90 17.22 -9.98
CA LEU D 23 -6.71 16.94 -9.18
C LEU D 23 -7.13 16.52 -7.79
N PHE D 24 -6.29 15.74 -7.11
CA PHE D 24 -6.47 15.61 -5.67
C PHE D 24 -5.15 15.60 -4.98
N LYS D 25 -5.21 15.83 -3.68
CA LYS D 25 -4.05 15.68 -2.81
C LYS D 25 -4.54 15.01 -1.51
N GLU D 26 -3.77 14.07 -1.00
CA GLU D 26 -4.15 13.27 0.15
C GLU D 26 -3.28 13.59 1.38
N PHE D 27 -3.90 13.59 2.56
CA PHE D 27 -3.21 13.80 3.85
C PHE D 27 -3.69 12.74 4.83
N THR D 28 -2.86 12.41 5.80
CA THR D 28 -3.20 11.48 6.88
C THR D 28 -3.20 12.18 8.25
N PHE D 29 -4.34 12.21 8.92
CA PHE D 29 -4.40 12.73 10.31
C PHE D 29 -4.63 11.60 11.33
N GLU D 30 -3.80 11.62 12.37
CA GLU D 30 -3.81 10.61 13.42
C GLU D 30 -4.64 11.18 14.57
N SER D 31 -5.87 10.69 14.72
CA SER D 31 -6.83 11.31 15.64
C SER D 31 -7.60 10.37 16.61
N ALA D 32 -8.06 10.89 17.75
CA ALA D 32 -9.01 10.12 18.59
C ALA D 32 -10.45 10.53 18.26
N HIS D 33 -11.38 9.59 18.38
CA HIS D 33 -12.76 9.99 18.35
C HIS D 33 -13.64 8.94 19.08
N ARG D 34 -14.89 9.29 19.37
CA ARG D 34 -15.90 8.34 19.82
C ARG D 34 -17.25 8.81 19.26
N LEU D 35 -18.14 7.86 18.96
CA LEU D 35 -19.49 8.20 18.46
C LEU D 35 -20.48 8.23 19.60
N PRO D 36 -21.11 9.40 19.84
CA PRO D 36 -22.02 9.53 20.98
C PRO D 36 -23.40 8.91 20.76
N HIS D 37 -23.76 8.69 19.50
CA HIS D 37 -25.13 8.30 19.19
C HIS D 37 -25.26 6.87 18.67
N VAL D 38 -24.26 6.03 18.95
CA VAL D 38 -24.38 4.59 18.68
C VAL D 38 -25.00 3.89 19.88
N PRO D 39 -25.74 2.75 19.65
CA PRO D 39 -26.38 2.01 20.78
C PRO D 39 -25.40 1.62 21.88
N GLU D 40 -25.91 1.33 23.07
CA GLU D 40 -25.07 1.15 24.27
C GLU D 40 -23.87 0.16 24.17
N GLY D 41 -24.02 -1.00 23.52
CA GLY D 41 -22.84 -1.87 23.40
C GLY D 41 -21.85 -1.68 22.25
N HIS D 42 -22.06 -0.65 21.43
CA HIS D 42 -21.36 -0.52 20.14
C HIS D 42 -19.90 0.01 20.29
N LYS D 43 -18.96 -0.72 19.68
CA LYS D 43 -17.51 -0.45 19.74
C LYS D 43 -17.13 0.99 19.48
N CYS D 44 -17.92 1.69 18.68
CA CYS D 44 -17.63 3.06 18.31
C CYS D 44 -17.93 4.08 19.37
N GLY D 45 -18.73 3.69 20.37
CA GLY D 45 -19.04 4.55 21.54
C GLY D 45 -17.93 4.64 22.59
N ARG D 46 -16.93 3.78 22.46
CA ARG D 46 -15.72 3.80 23.28
C ARG D 46 -14.72 4.78 22.69
N LEU D 47 -13.90 5.39 23.55
CA LEU D 47 -12.82 6.29 23.12
C LEU D 47 -11.84 5.46 22.27
N HIS D 48 -11.64 5.84 21.01
CA HIS D 48 -10.67 5.13 20.16
C HIS D 48 -10.05 6.13 19.17
N GLY D 49 -9.44 5.65 18.10
CA GLY D 49 -8.85 6.57 17.16
C GLY D 49 -8.56 5.86 15.87
N HIS D 50 -8.09 6.63 14.87
CA HIS D 50 -7.70 6.09 13.56
C HIS D 50 -6.66 6.93 12.89
N SER D 51 -5.93 6.34 11.96
CA SER D 51 -5.11 7.09 11.02
C SER D 51 -6.06 7.41 9.89
N PHE D 52 -6.66 8.59 9.95
CA PHE D 52 -7.65 9.01 8.94
C PHE D 52 -6.94 9.51 7.70
N ARG D 53 -7.35 9.10 6.51
CA ARG D 53 -6.83 9.68 5.25
C ARG D 53 -7.91 10.55 4.59
N VAL D 54 -7.57 11.78 4.24
CA VAL D 54 -8.49 12.67 3.53
C VAL D 54 -7.89 13.06 2.18
N ALA D 55 -8.66 12.88 1.10
CA ALA D 55 -8.28 13.39 -0.20
C ALA D 55 -9.11 14.63 -0.51
N ILE D 56 -8.43 15.64 -1.01
CA ILE D 56 -9.08 16.90 -1.38
C ILE D 56 -8.98 17.05 -2.88
N HIS D 57 -10.11 17.02 -3.56
CA HIS D 57 -10.15 17.08 -5.02
C HIS D 57 -10.59 18.44 -5.52
N ILE D 58 -9.96 18.92 -6.59
CA ILE D 58 -10.43 20.12 -7.26
C ILE D 58 -10.68 19.84 -8.75
N GLU D 59 -11.53 20.66 -9.38
CA GLU D 59 -11.89 20.55 -10.78
C GLU D 59 -11.71 21.91 -11.42
N GLY D 60 -11.34 21.96 -12.68
CA GLY D 60 -11.11 23.24 -13.33
C GLY D 60 -10.49 23.13 -14.69
N GLU D 61 -10.23 24.29 -15.29
CA GLU D 61 -9.55 24.36 -16.56
C GLU D 61 -8.03 24.53 -16.34
N VAL D 62 -7.23 23.75 -17.07
CA VAL D 62 -5.79 23.90 -17.04
C VAL D 62 -5.45 25.21 -17.73
N ASP D 63 -4.71 26.07 -17.02
CA ASP D 63 -4.15 27.28 -17.62
C ASP D 63 -3.08 26.91 -18.63
N PRO D 64 -3.22 27.38 -19.89
CA PRO D 64 -2.20 27.13 -20.92
C PRO D 64 -0.76 27.52 -20.56
N HIS D 65 -0.56 28.54 -19.69
CA HIS D 65 0.82 28.89 -19.34
C HIS D 65 1.45 28.11 -18.19
N THR D 66 0.74 27.99 -17.08
CA THR D 66 1.29 27.30 -15.92
C THR D 66 1.23 25.79 -16.11
N GLY D 67 0.38 25.37 -17.05
CA GLY D 67 0.14 23.95 -17.27
C GLY D 67 -0.59 23.26 -16.11
N TRP D 68 -1.14 24.05 -15.18
CA TRP D 68 -1.95 23.47 -14.12
C TRP D 68 -3.32 24.15 -13.88
N ILE D 69 -4.18 23.53 -13.10
CA ILE D 69 -5.43 24.14 -12.66
C ILE D 69 -5.10 25.05 -11.47
N ARG D 70 -4.43 24.46 -10.48
CA ARG D 70 -4.00 25.16 -9.31
C ARG D 70 -2.67 24.59 -8.82
N ASP D 71 -1.78 25.45 -8.36
CA ASP D 71 -0.52 25.05 -7.75
C ASP D 71 -0.81 24.24 -6.49
N PHE D 72 -0.35 22.98 -6.44
CA PHE D 72 -0.52 22.09 -5.26
C PHE D 72 -0.01 22.72 -3.95
N ALA D 73 1.04 23.52 -4.05
CA ALA D 73 1.63 24.17 -2.89
C ALA D 73 0.60 25.09 -2.20
N GLU D 74 -0.25 25.73 -3.00
CA GLU D 74 -1.31 26.61 -2.49
C GLU D 74 -2.45 25.83 -1.88
N ILE D 75 -2.77 24.66 -2.43
CA ILE D 75 -3.83 23.82 -1.86
C ILE D 75 -3.38 23.36 -0.48
N LYS D 76 -2.13 22.93 -0.41
CA LYS D 76 -1.54 22.43 0.81
C LYS D 76 -1.48 23.53 1.88
N ALA D 77 -1.09 24.76 1.49
CA ALA D 77 -1.04 25.88 2.40
C ALA D 77 -2.42 26.30 2.94
N ILE D 78 -3.45 26.17 2.10
CA ILE D 78 -4.82 26.47 2.45
C ILE D 78 -5.39 25.37 3.34
N PHE D 79 -5.12 24.11 3.00
CA PHE D 79 -5.68 23.04 3.80
C PHE D 79 -4.95 22.83 5.13
N LYS D 80 -3.66 23.19 5.17
CA LYS D 80 -2.80 22.91 6.32
C LYS D 80 -3.30 23.20 7.77
N PRO D 81 -3.76 24.45 8.06
CA PRO D 81 -4.21 24.66 9.44
C PRO D 81 -5.50 23.91 9.84
N ILE D 82 -6.34 23.59 8.86
CA ILE D 82 -7.52 22.73 9.07
C ILE D 82 -7.07 21.30 9.43
N TYR D 83 -6.12 20.79 8.63
CA TYR D 83 -5.41 19.55 8.92
C TYR D 83 -4.78 19.54 10.33
N GLU D 84 -4.11 20.64 10.70
CA GLU D 84 -3.49 20.78 12.03
C GLU D 84 -4.49 20.69 13.20
N GLN D 85 -5.77 21.02 12.95
CA GLN D 85 -6.82 20.89 13.97
C GLN D 85 -7.20 19.44 14.17
N LEU D 86 -7.27 18.71 13.07
CA LEU D 86 -7.62 17.31 13.10
C LEU D 86 -6.53 16.42 13.66
N ASP D 87 -5.30 16.64 13.21
CA ASP D 87 -4.20 15.76 13.49
C ASP D 87 -3.68 15.88 14.93
N HIS D 88 -3.31 14.73 15.51
CA HIS D 88 -2.91 14.61 16.90
C HIS D 88 -3.87 15.35 17.84
N ASN D 89 -5.16 15.15 17.62
CA ASN D 89 -6.21 15.76 18.44
C ASN D 89 -7.40 14.86 18.63
N TYR D 90 -8.19 15.18 19.67
CA TYR D 90 -9.50 14.56 19.94
C TYR D 90 -10.54 15.24 19.09
N LEU D 91 -11.08 14.49 18.13
CA LEU D 91 -12.04 15.09 17.17
C LEU D 91 -13.32 15.67 17.81
N ASN D 92 -13.85 15.02 18.85
CA ASN D 92 -15.07 15.50 19.54
C ASN D 92 -14.97 16.87 20.19
N ASP D 93 -13.74 17.36 20.44
CA ASP D 93 -13.53 18.76 20.92
C ASP D 93 -13.47 19.86 19.82
N ILE D 94 -13.55 19.46 18.56
CA ILE D 94 -13.60 20.48 17.50
C ILE D 94 -15.05 20.92 17.33
N PRO D 95 -15.32 22.24 17.42
CA PRO D 95 -16.66 22.76 17.20
C PRO D 95 -17.22 22.29 15.86
N GLY D 96 -18.42 21.71 15.91
CA GLY D 96 -19.03 21.15 14.72
C GLY D 96 -18.76 19.66 14.56
N LEU D 97 -17.75 19.12 15.28
CA LEU D 97 -17.45 17.67 15.25
C LEU D 97 -17.86 16.85 16.51
N GLU D 98 -19.01 17.20 17.08
CA GLU D 98 -19.52 16.55 18.29
C GLU D 98 -19.98 15.11 17.99
N ASN D 99 -20.41 14.86 16.76
CA ASN D 99 -20.67 13.50 16.24
C ASN D 99 -19.71 13.19 15.06
N PRO D 100 -18.43 12.83 15.36
CA PRO D 100 -17.38 12.84 14.32
C PRO D 100 -17.33 11.56 13.48
N THR D 101 -18.42 11.31 12.77
CA THR D 101 -18.43 10.22 11.84
C THR D 101 -17.66 10.64 10.61
N SER D 102 -17.41 9.71 9.70
CA SER D 102 -16.73 9.99 8.44
C SER D 102 -17.58 10.93 7.63
N GLU D 103 -18.89 10.69 7.61
CA GLU D 103 -19.83 11.60 6.91
C GLU D 103 -19.76 13.03 7.44
N ASN D 104 -19.71 13.18 8.75
CA ASN D 104 -19.70 14.51 9.35
C ASN D 104 -18.34 15.13 9.16
N LEU D 105 -17.28 14.32 9.24
CA LEU D 105 -15.92 14.76 8.85
C LEU D 105 -15.87 15.40 7.45
N CYS D 106 -16.40 14.71 6.45
CA CYS D 106 -16.48 15.22 5.07
C CYS D 106 -17.20 16.53 5.01
N ARG D 107 -18.37 16.60 5.63
CA ARG D 107 -19.20 17.80 5.61
C ARG D 107 -18.46 18.96 6.31
N TRP D 108 -17.90 18.70 7.49
CA TRP D 108 -17.12 19.71 8.23
C TRP D 108 -15.97 20.23 7.37
N ILE D 109 -15.21 19.32 6.77
CA ILE D 109 -14.07 19.75 5.93
C ILE D 109 -14.53 20.59 4.74
N TRP D 110 -15.63 20.18 4.10
CA TRP D 110 -16.16 20.94 2.99
C TRP D 110 -16.62 22.38 3.42
N GLN D 111 -17.31 22.49 4.55
CA GLN D 111 -17.69 23.80 5.10
C GLN D 111 -16.50 24.72 5.37
N GLN D 112 -15.42 24.16 5.89
CA GLN D 112 -14.24 24.94 6.30
C GLN D 112 -13.45 25.43 5.10
N LEU D 113 -13.45 24.64 4.05
CA LEU D 113 -12.52 24.77 2.93
C LEU D 113 -13.15 25.42 1.72
N LYS D 114 -14.42 25.11 1.45
CA LYS D 114 -15.10 25.56 0.20
C LYS D 114 -15.02 27.08 -0.02
N PRO D 115 -15.20 27.89 1.05
CA PRO D 115 -15.18 29.34 0.81
C PRO D 115 -13.80 29.86 0.39
N LEU D 116 -12.77 29.09 0.71
CA LEU D 116 -11.40 29.47 0.49
C LEU D 116 -10.76 28.72 -0.69
N LEU D 117 -11.51 27.79 -1.28
CA LEU D 117 -11.02 26.98 -2.40
C LEU D 117 -12.23 26.66 -3.25
N PRO D 118 -12.62 27.60 -4.12
CA PRO D 118 -13.89 27.37 -4.83
C PRO D 118 -13.87 26.22 -5.84
N GLU D 119 -12.69 25.85 -6.34
CA GLU D 119 -12.65 24.71 -7.25
C GLU D 119 -12.78 23.36 -6.52
N LEU D 120 -12.88 23.41 -5.18
CA LEU D 120 -13.15 22.21 -4.40
C LEU D 120 -14.31 21.44 -5.04
N SER D 121 -14.05 20.20 -5.40
CA SER D 121 -15.03 19.38 -6.11
C SER D 121 -15.46 18.19 -5.28
N LYS D 122 -14.60 17.72 -4.37
CA LYS D 122 -14.83 16.44 -3.68
C LYS D 122 -13.97 16.33 -2.44
N VAL D 123 -14.58 15.84 -1.35
CA VAL D 123 -13.86 15.50 -0.11
C VAL D 123 -14.09 14.02 0.19
N ARG D 124 -13.02 13.31 0.56
CA ARG D 124 -13.03 11.87 0.66
C ARG D 124 -12.29 11.56 1.95
N VAL D 125 -12.92 10.93 2.94
CA VAL D 125 -12.18 10.42 4.08
C VAL D 125 -12.29 8.90 4.28
N HIS D 126 -11.15 8.34 4.67
CA HIS D 126 -11.03 6.92 4.91
C HIS D 126 -10.68 6.76 6.39
N GLU D 127 -11.64 6.32 7.18
CA GLU D 127 -11.46 6.05 8.62
C GLU D 127 -10.52 4.87 8.81
N THR D 128 -10.66 3.85 7.97
CA THR D 128 -9.72 2.72 7.97
C THR D 128 -9.28 2.38 6.56
N CYS D 129 -8.32 1.47 6.45
CA CYS D 129 -7.80 1.05 5.15
C CYS D 129 -8.84 0.33 4.25
N THR D 130 -10.01 -0.04 4.81
CA THR D 130 -11.07 -0.80 4.08
C THR D 130 -12.42 -0.06 3.90
N SER D 131 -12.49 1.20 4.32
CA SER D 131 -13.73 1.94 4.24
C SER D 131 -13.49 3.38 3.74
N GLY D 132 -14.55 4.10 3.47
CA GLY D 132 -14.41 5.41 2.89
C GLY D 132 -15.73 6.11 2.72
N CYS D 133 -15.64 7.43 2.70
CA CYS D 133 -16.79 8.26 2.54
C CYS D 133 -16.50 9.36 1.53
N GLU D 134 -17.45 9.65 0.66
CA GLU D 134 -17.21 10.65 -0.38
C GLU D 134 -18.31 11.71 -0.44
N TYR D 135 -17.93 12.97 -0.34
CA TYR D 135 -18.87 14.05 -0.38
C TYR D 135 -18.55 15.01 -1.52
N ARG D 136 -19.57 15.42 -2.27
CA ARG D 136 -19.36 16.49 -3.23
C ARG D 136 -20.26 17.74 -3.13
N GLY D 137 -20.53 18.18 -1.90
CA GLY D 137 -21.43 19.30 -1.60
C GLY D 137 -22.91 19.20 -2.02
N ASP D 138 -23.48 17.99 -2.02
CA ASP D 138 -24.93 17.78 -2.35
C ASP D 138 -25.83 17.47 -1.12
N GLY E 18 -23.88 -7.67 -22.36
CA GLY E 18 -24.42 -6.35 -22.80
C GLY E 18 -24.48 -5.33 -21.67
N SER E 19 -23.83 -5.68 -20.55
CA SER E 19 -23.72 -4.78 -19.40
C SER E 19 -22.69 -3.69 -19.70
N HIS E 20 -22.91 -2.49 -19.17
CA HIS E 20 -21.91 -1.44 -19.31
C HIS E 20 -21.00 -1.37 -18.08
N GLU E 22 -16.81 -0.11 -16.58
CA GLU E 22 -15.56 0.56 -16.78
C GLU E 22 -14.44 -0.33 -16.26
N LEU E 23 -13.45 -0.58 -17.10
CA LEU E 23 -12.25 -1.30 -16.68
C LEU E 23 -11.05 -0.38 -16.55
N PHE E 24 -10.04 -0.82 -15.81
CA PHE E 24 -8.75 -0.13 -15.78
C PHE E 24 -7.55 -1.03 -15.59
N LYS E 25 -6.41 -0.55 -16.09
CA LYS E 25 -5.09 -1.13 -15.91
C LYS E 25 -4.12 -0.02 -15.47
N GLU E 26 -3.21 -0.35 -14.58
CA GLU E 26 -2.29 0.63 -14.04
C GLU E 26 -0.82 0.30 -14.37
N PHE E 27 -0.05 1.30 -14.77
CA PHE E 27 1.38 1.15 -15.10
C PHE E 27 2.21 2.13 -14.28
N THR E 28 3.47 1.80 -14.03
CA THR E 28 4.38 2.69 -13.33
C THR E 28 5.64 3.00 -14.18
N PHE E 29 5.90 4.27 -14.39
CA PHE E 29 7.12 4.63 -15.10
C PHE E 29 8.05 5.49 -14.24
N GLU E 30 9.34 5.23 -14.37
CA GLU E 30 10.34 5.86 -13.52
C GLU E 30 11.04 6.92 -14.36
N SER E 31 10.70 8.18 -14.09
CA SER E 31 11.06 9.29 -14.99
C SER E 31 11.48 10.54 -14.27
N ALA E 32 12.17 11.41 -15.00
CA ALA E 32 12.66 12.70 -14.50
C ALA E 32 11.87 13.78 -15.18
N HIS E 33 11.66 14.88 -14.47
CA HIS E 33 11.07 16.06 -15.11
C HIS E 33 11.34 17.32 -14.33
N ARG E 34 10.88 18.43 -14.88
CA ARG E 34 10.97 19.71 -14.21
C ARG E 34 10.05 20.68 -14.87
N LEU E 35 9.54 21.62 -14.07
CA LEU E 35 8.65 22.64 -14.59
C LEU E 35 9.39 23.95 -14.95
N PRO E 36 9.33 24.34 -16.25
CA PRO E 36 10.04 25.52 -16.74
C PRO E 36 9.44 26.85 -16.31
N HIS E 37 8.15 26.86 -15.97
CA HIS E 37 7.45 28.13 -15.91
C HIS E 37 7.12 28.61 -14.50
N VAL E 38 7.56 27.82 -13.52
CA VAL E 38 7.32 28.15 -12.10
C VAL E 38 8.30 29.21 -11.62
N PRO E 39 7.90 30.03 -10.62
CA PRO E 39 8.73 31.13 -10.06
C PRO E 39 10.13 30.67 -9.63
N GLU E 40 11.04 31.63 -9.41
CA GLU E 40 12.49 31.34 -9.41
C GLU E 40 12.95 30.16 -8.52
N GLY E 41 12.54 30.17 -7.24
CA GLY E 41 13.04 29.18 -6.27
C GLY E 41 12.10 28.02 -5.95
N HIS E 42 11.04 27.89 -6.74
CA HIS E 42 10.10 26.79 -6.63
C HIS E 42 10.81 25.42 -6.69
N LYS E 43 10.34 24.45 -5.91
CA LYS E 43 10.94 23.11 -5.93
C LYS E 43 10.66 22.31 -7.22
N CYS E 44 9.50 22.55 -7.83
CA CYS E 44 9.09 21.93 -9.10
C CYS E 44 9.92 22.39 -10.31
N GLY E 45 10.70 23.45 -10.12
CA GLY E 45 11.59 23.96 -11.15
C GLY E 45 12.97 23.33 -11.16
N ARG E 46 13.27 22.53 -10.15
CA ARG E 46 14.52 21.81 -10.10
C ARG E 46 14.37 20.48 -10.84
N LEU E 47 15.47 19.96 -11.35
CA LEU E 47 15.49 18.63 -11.96
C LEU E 47 15.23 17.61 -10.85
N HIS E 48 14.12 16.90 -10.95
CA HIS E 48 13.78 15.82 -10.00
C HIS E 48 13.14 14.65 -10.77
N GLY E 49 12.48 13.73 -10.08
CA GLY E 49 11.66 12.73 -10.76
C GLY E 49 10.73 11.98 -9.83
N HIS E 50 10.04 10.97 -10.39
CA HIS E 50 9.12 10.14 -9.65
C HIS E 50 8.94 8.78 -10.27
N SER E 51 8.35 7.89 -9.48
CA SER E 51 7.69 6.69 -9.98
C SER E 51 6.26 7.07 -10.26
N PHE E 52 6.00 7.57 -11.47
CA PHE E 52 4.68 7.93 -11.94
C PHE E 52 3.76 6.70 -12.06
N ARG E 53 2.55 6.76 -11.51
CA ARG E 53 1.53 5.74 -11.80
C ARG E 53 0.53 6.28 -12.82
N VAL E 54 0.28 5.52 -13.87
CA VAL E 54 -0.72 5.92 -14.83
C VAL E 54 -1.75 4.80 -14.93
N ALA E 55 -3.01 5.16 -14.70
CA ALA E 55 -4.10 4.23 -14.97
C ALA E 55 -4.84 4.61 -16.24
N ILE E 56 -5.04 3.61 -17.10
CA ILE E 56 -5.79 3.71 -18.34
C ILE E 56 -7.13 3.04 -18.10
N HIS E 57 -8.21 3.82 -18.24
CA HIS E 57 -9.58 3.33 -18.01
C HIS E 57 -10.31 3.27 -19.34
N ILE E 58 -11.04 2.19 -19.59
CA ILE E 58 -11.86 2.04 -20.78
C ILE E 58 -13.29 1.71 -20.36
N GLU E 59 -14.27 2.10 -21.19
CA GLU E 59 -15.69 1.80 -20.99
C GLU E 59 -16.28 1.07 -22.19
N GLY E 60 -17.21 0.16 -21.93
CA GLY E 60 -17.90 -0.55 -23.01
C GLY E 60 -18.96 -1.54 -22.56
N GLU E 61 -19.61 -2.18 -23.54
CA GLU E 61 -20.52 -3.30 -23.27
C GLU E 61 -19.71 -4.57 -23.04
N VAL E 62 -20.13 -5.37 -22.06
CA VAL E 62 -19.47 -6.64 -21.81
C VAL E 62 -19.97 -7.71 -22.82
N ASP E 63 -19.03 -8.24 -23.60
CA ASP E 63 -19.31 -9.24 -24.61
C ASP E 63 -19.76 -10.55 -23.96
N PRO E 64 -20.92 -11.08 -24.40
CA PRO E 64 -21.48 -12.33 -23.85
C PRO E 64 -20.63 -13.58 -24.14
N HIS E 65 -19.89 -13.58 -25.25
CA HIS E 65 -19.01 -14.69 -25.58
C HIS E 65 -17.74 -14.69 -24.72
N THR E 66 -16.98 -13.59 -24.79
CA THR E 66 -15.69 -13.48 -24.10
C THR E 66 -15.82 -13.14 -22.61
N GLY E 67 -17.01 -12.71 -22.20
CA GLY E 67 -17.25 -12.29 -20.83
C GLY E 67 -16.47 -11.07 -20.38
N TRP E 68 -15.96 -10.30 -21.35
CA TRP E 68 -15.25 -9.07 -21.04
C TRP E 68 -15.42 -7.97 -22.10
N ILE E 69 -14.99 -6.75 -21.75
CA ILE E 69 -14.99 -5.65 -22.72
C ILE E 69 -13.79 -5.80 -23.65
N ARG E 70 -12.61 -5.96 -23.07
CA ARG E 70 -11.37 -6.05 -23.80
C ARG E 70 -10.36 -6.78 -22.90
N ASP E 71 -9.49 -7.58 -23.49
CA ASP E 71 -8.42 -8.23 -22.72
C ASP E 71 -7.50 -7.19 -22.06
N PHE E 72 -7.34 -7.27 -20.74
CA PHE E 72 -6.41 -6.39 -20.01
C PHE E 72 -5.08 -6.29 -20.77
N ALA E 73 -4.70 -7.38 -21.43
CA ALA E 73 -3.42 -7.53 -22.14
C ALA E 73 -3.37 -7.01 -23.60
N GLU E 74 -4.54 -6.66 -24.15
CA GLU E 74 -4.62 -5.91 -25.42
C GLU E 74 -4.34 -4.42 -25.12
N ILE E 75 -4.92 -3.93 -24.04
CA ILE E 75 -4.66 -2.59 -23.52
C ILE E 75 -3.17 -2.42 -23.23
N LYS E 76 -2.59 -3.41 -22.56
CA LYS E 76 -1.15 -3.39 -22.25
C LYS E 76 -0.36 -3.37 -23.56
N ALA E 77 -0.69 -4.26 -24.48
CA ALA E 77 -0.01 -4.33 -25.77
C ALA E 77 -0.04 -3.00 -26.54
N ILE E 78 -1.18 -2.33 -26.49
CA ILE E 78 -1.39 -1.05 -27.18
C ILE E 78 -0.64 0.09 -26.51
N PHE E 79 -0.61 0.08 -25.16
CA PHE E 79 0.07 1.13 -24.41
C PHE E 79 1.61 1.04 -24.45
N LYS E 80 2.16 -0.15 -24.69
CA LYS E 80 3.62 -0.38 -24.64
C LYS E 80 4.51 0.66 -25.36
N PRO E 81 4.16 1.04 -26.62
CA PRO E 81 4.92 2.12 -27.29
C PRO E 81 4.99 3.49 -26.57
N ILE E 82 3.90 3.90 -25.95
CA ILE E 82 3.84 5.17 -25.23
C ILE E 82 4.55 5.05 -23.89
N TYR E 83 4.22 3.99 -23.16
CA TYR E 83 4.88 3.66 -21.91
C TYR E 83 6.40 3.72 -22.02
N GLU E 84 6.93 3.16 -23.10
CA GLU E 84 8.38 3.07 -23.29
C GLU E 84 9.09 4.39 -23.62
N GLN E 85 8.43 5.28 -24.35
CA GLN E 85 8.83 6.70 -24.43
C GLN E 85 8.96 7.33 -23.05
N LEU E 86 8.02 7.04 -22.17
CA LEU E 86 7.94 7.68 -20.86
C LEU E 86 8.95 7.14 -19.86
N ASP E 87 9.05 5.83 -19.79
CA ASP E 87 9.80 5.15 -18.74
C ASP E 87 11.33 5.24 -18.91
N HIS E 88 12.00 5.48 -17.79
CA HIS E 88 13.45 5.69 -17.70
C HIS E 88 13.92 6.75 -18.69
N ASN E 89 13.22 7.89 -18.68
CA ASN E 89 13.55 9.00 -19.57
C ASN E 89 13.31 10.35 -18.89
N TYR E 90 13.85 11.40 -19.51
CA TYR E 90 13.60 12.78 -19.13
C TYR E 90 12.40 13.26 -19.94
N LEU E 91 11.33 13.60 -19.24
CA LEU E 91 10.02 13.90 -19.83
C LEU E 91 10.00 15.20 -20.64
N ASN E 92 10.92 16.11 -20.33
CA ASN E 92 11.00 17.40 -21.02
C ASN E 92 11.51 17.34 -22.46
N ASP E 93 12.13 16.22 -22.81
CA ASP E 93 12.69 15.99 -24.14
C ASP E 93 11.71 15.30 -25.12
N ILE E 94 10.53 14.96 -24.64
CA ILE E 94 9.49 14.35 -25.46
C ILE E 94 8.63 15.45 -26.07
N PRO E 95 8.51 15.48 -27.43
CA PRO E 95 7.77 16.57 -28.05
C PRO E 95 6.34 16.63 -27.53
N GLY E 96 5.87 17.83 -27.22
CA GLY E 96 4.56 18.00 -26.58
C GLY E 96 4.57 17.91 -25.07
N LEU E 97 5.74 17.68 -24.46
CA LEU E 97 5.87 17.63 -22.97
C LEU E 97 6.91 18.57 -22.36
N GLU E 98 7.19 19.68 -23.04
CA GLU E 98 8.14 20.70 -22.59
C GLU E 98 7.74 21.34 -21.26
N ASN E 99 6.45 21.23 -20.91
CA ASN E 99 5.95 21.67 -19.60
C ASN E 99 5.19 20.51 -18.93
N PRO E 100 5.94 19.52 -18.41
CA PRO E 100 5.38 18.23 -18.01
C PRO E 100 4.75 18.18 -16.62
N THR E 101 3.84 19.11 -16.37
CA THR E 101 2.90 18.97 -15.26
C THR E 101 2.09 17.67 -15.40
N SER E 102 1.58 17.15 -14.29
CA SER E 102 0.61 16.06 -14.31
C SER E 102 -0.58 16.27 -15.24
N GLU E 103 -1.11 17.49 -15.26
CA GLU E 103 -2.16 17.86 -16.22
C GLU E 103 -1.81 17.66 -17.70
N ASN E 104 -0.64 18.17 -18.12
CA ASN E 104 -0.22 18.12 -19.53
C ASN E 104 0.15 16.68 -19.93
N LEU E 105 0.73 15.97 -18.96
CA LEU E 105 0.98 14.53 -19.05
C LEU E 105 -0.29 13.71 -19.29
N CYS E 106 -1.34 14.01 -18.52
CA CYS E 106 -2.64 13.38 -18.71
C CYS E 106 -3.16 13.65 -20.11
N ARG E 107 -3.16 14.93 -20.52
CA ARG E 107 -3.60 15.28 -21.87
C ARG E 107 -2.81 14.57 -22.97
N TRP E 108 -1.47 14.63 -22.86
CA TRP E 108 -0.55 14.01 -23.80
C TRP E 108 -0.80 12.51 -23.92
N ILE E 109 -1.00 11.82 -22.81
CA ILE E 109 -1.27 10.37 -22.87
C ILE E 109 -2.59 10.11 -23.60
N TRP E 110 -3.61 10.90 -23.29
CA TRP E 110 -4.89 10.79 -23.99
C TRP E 110 -4.72 10.99 -25.52
N GLN E 111 -4.07 12.10 -25.90
CA GLN E 111 -3.76 12.41 -27.30
C GLN E 111 -3.05 11.25 -27.99
N GLN E 112 -2.10 10.63 -27.29
CA GLN E 112 -1.36 9.50 -27.87
C GLN E 112 -2.18 8.20 -27.98
N LEU E 113 -3.21 8.04 -27.14
CA LEU E 113 -3.87 6.75 -26.91
C LEU E 113 -5.28 6.59 -27.48
N LYS E 114 -6.07 7.66 -27.44
CA LYS E 114 -7.45 7.63 -27.94
C LYS E 114 -7.53 7.13 -29.40
N PRO E 115 -6.61 7.59 -30.28
CA PRO E 115 -6.58 7.05 -31.65
C PRO E 115 -6.52 5.51 -31.73
N LEU E 116 -5.84 4.90 -30.76
CA LEU E 116 -5.49 3.47 -30.81
C LEU E 116 -6.36 2.61 -29.89
N LEU E 117 -7.14 3.27 -29.05
CA LEU E 117 -8.04 2.61 -28.12
C LEU E 117 -9.29 3.47 -28.10
N PRO E 118 -10.23 3.23 -29.04
CA PRO E 118 -11.43 4.07 -29.12
C PRO E 118 -12.30 4.08 -27.87
N GLU E 119 -12.22 3.04 -27.04
CA GLU E 119 -13.06 2.92 -25.84
C GLU E 119 -12.43 3.54 -24.60
N LEU E 120 -11.35 4.30 -24.80
CA LEU E 120 -10.71 5.03 -23.71
C LEU E 120 -11.64 6.05 -23.09
N SER E 121 -11.76 6.01 -21.76
CA SER E 121 -12.69 6.88 -21.04
C SER E 121 -11.99 7.81 -20.01
N LYS E 122 -10.80 7.43 -19.56
CA LYS E 122 -10.12 8.18 -18.52
C LYS E 122 -8.62 7.87 -18.53
N VAL E 123 -7.81 8.90 -18.24
CA VAL E 123 -6.39 8.74 -17.95
C VAL E 123 -6.11 9.36 -16.55
N ARG E 124 -5.49 8.57 -15.67
CA ARG E 124 -5.18 8.92 -14.29
C ARG E 124 -3.66 8.89 -14.14
N VAL E 125 -3.09 10.02 -13.75
CA VAL E 125 -1.65 10.11 -13.52
C VAL E 125 -1.41 10.52 -12.07
N HIS E 126 -0.50 9.81 -11.42
CA HIS E 126 -0.09 10.07 -10.07
C HIS E 126 1.44 10.30 -10.05
N GLU E 127 1.85 11.54 -9.79
CA GLU E 127 3.26 11.91 -9.62
C GLU E 127 3.84 11.28 -8.34
N THR E 128 3.05 11.30 -7.26
CA THR E 128 3.43 10.74 -5.96
C THR E 128 2.28 9.90 -5.36
N CYS E 129 2.52 9.25 -4.21
CA CYS E 129 1.50 8.40 -3.58
C CYS E 129 0.36 9.20 -2.94
N THR E 130 0.50 10.53 -2.90
CA THR E 130 -0.47 11.40 -2.23
C THR E 130 -1.08 12.47 -3.17
N SER E 131 -0.94 12.29 -4.48
CA SER E 131 -1.47 13.24 -5.44
C SER E 131 -1.92 12.48 -6.70
N GLY E 132 -2.72 13.14 -7.53
CA GLY E 132 -3.33 12.52 -8.69
C GLY E 132 -4.01 13.50 -9.64
N CYS E 133 -4.05 13.13 -10.92
CA CYS E 133 -4.71 13.95 -11.93
C CYS E 133 -5.54 13.05 -12.83
N GLU E 134 -6.76 13.50 -13.16
CA GLU E 134 -7.70 12.71 -13.93
C GLU E 134 -8.21 13.52 -15.13
N TYR E 135 -8.22 12.91 -16.31
CA TYR E 135 -8.68 13.55 -17.54
C TYR E 135 -9.65 12.62 -18.28
N ARG E 136 -10.82 13.14 -18.66
CA ARG E 136 -11.87 12.34 -19.31
CA ARG E 136 -11.85 12.34 -19.31
C ARG E 136 -12.13 12.79 -20.74
N GLY E 137 -11.18 13.54 -21.30
CA GLY E 137 -11.27 14.04 -22.68
C GLY E 137 -12.09 15.31 -22.82
N ASP E 138 -12.51 15.88 -21.69
CA ASP E 138 -13.36 17.08 -21.69
C ASP E 138 -12.56 18.34 -21.35
N GLY F 18 -30.84 16.27 4.90
CA GLY F 18 -29.84 15.16 4.74
C GLY F 18 -28.87 15.39 3.59
N SER F 19 -27.60 15.65 3.93
CA SER F 19 -26.54 15.72 2.92
C SER F 19 -26.47 14.37 2.23
N HIS F 20 -26.25 14.38 0.91
CA HIS F 20 -26.13 13.16 0.11
C HIS F 20 -24.66 12.77 -0.05
N GLU F 22 -21.61 9.17 -0.61
CA GLU F 22 -21.29 7.84 -1.07
C GLU F 22 -20.34 7.24 -0.04
N LEU F 23 -20.64 6.00 0.37
CA LEU F 23 -19.80 5.22 1.26
C LEU F 23 -19.24 4.07 0.49
N PHE F 24 -18.12 3.53 0.97
CA PHE F 24 -17.71 2.21 0.52
C PHE F 24 -17.04 1.32 1.57
N LYS F 25 -17.23 0.01 1.43
CA LYS F 25 -16.58 -1.00 2.26
C LYS F 25 -15.83 -1.99 1.37
N GLU F 26 -14.57 -2.24 1.70
CA GLU F 26 -13.73 -3.16 0.94
C GLU F 26 -13.54 -4.53 1.59
N PHE F 27 -13.48 -5.54 0.75
CA PHE F 27 -13.33 -6.94 1.16
C PHE F 27 -12.30 -7.67 0.26
N THR F 28 -11.58 -8.64 0.83
CA THR F 28 -10.62 -9.42 0.07
C THR F 28 -11.00 -10.88 0.13
N PHE F 29 -11.17 -11.52 -1.02
CA PHE F 29 -11.38 -12.95 -1.02
C PHE F 29 -10.27 -13.69 -1.82
N GLU F 30 -9.80 -14.79 -1.26
CA GLU F 30 -8.68 -15.50 -1.81
C GLU F 30 -9.26 -16.66 -2.59
N SER F 31 -9.27 -16.55 -3.91
CA SER F 31 -10.05 -17.48 -4.74
C SER F 31 -9.32 -18.05 -5.93
N ALA F 32 -9.74 -19.24 -6.36
CA ALA F 32 -9.24 -19.82 -7.59
C ALA F 32 -10.25 -19.55 -8.72
N HIS F 33 -9.74 -19.42 -9.95
CA HIS F 33 -10.59 -19.49 -11.14
C HIS F 33 -9.77 -19.78 -12.41
N ARG F 34 -10.48 -20.00 -13.51
CA ARG F 34 -9.88 -20.07 -14.83
C ARG F 34 -10.89 -19.55 -15.84
N LEU F 35 -10.40 -18.99 -16.95
CA LEU F 35 -11.29 -18.53 -18.03
C LEU F 35 -11.48 -19.56 -19.17
N PRO F 36 -12.68 -20.18 -19.25
CA PRO F 36 -12.95 -21.28 -20.18
C PRO F 36 -12.96 -20.92 -21.67
N HIS F 37 -12.93 -19.63 -22.01
CA HIS F 37 -13.13 -19.21 -23.41
C HIS F 37 -11.92 -18.57 -24.11
N VAL F 38 -10.81 -18.37 -23.39
CA VAL F 38 -9.57 -17.87 -24.01
C VAL F 38 -8.91 -18.95 -24.89
N PRO F 39 -8.20 -18.54 -25.97
CA PRO F 39 -7.38 -19.40 -26.84
C PRO F 39 -6.47 -20.39 -26.07
N GLU F 40 -6.15 -21.51 -26.72
CA GLU F 40 -5.57 -22.67 -26.03
C GLU F 40 -4.31 -22.41 -25.18
N GLY F 41 -3.47 -21.47 -25.60
CA GLY F 41 -2.22 -21.17 -24.89
C GLY F 41 -2.30 -20.16 -23.75
N HIS F 42 -3.32 -19.29 -23.82
CA HIS F 42 -3.48 -18.12 -22.95
C HIS F 42 -3.51 -18.43 -21.45
N LYS F 43 -2.79 -17.64 -20.66
CA LYS F 43 -2.48 -17.95 -19.24
C LYS F 43 -3.72 -18.01 -18.36
N CYS F 44 -4.71 -17.18 -18.73
CA CYS F 44 -5.98 -17.05 -18.05
C CYS F 44 -6.86 -18.32 -18.09
N GLY F 45 -6.61 -19.19 -19.08
CA GLY F 45 -7.29 -20.47 -19.18
C GLY F 45 -6.61 -21.57 -18.38
N ARG F 46 -5.49 -21.26 -17.76
CA ARG F 46 -4.88 -22.17 -16.81
C ARG F 46 -5.53 -21.96 -15.46
N LEU F 47 -5.58 -23.01 -14.65
CA LEU F 47 -6.12 -22.94 -13.31
C LEU F 47 -5.16 -22.10 -12.45
N HIS F 48 -5.68 -21.02 -11.88
CA HIS F 48 -4.88 -20.09 -11.08
C HIS F 48 -5.76 -19.38 -10.03
N GLY F 49 -5.28 -18.29 -9.45
CA GLY F 49 -6.05 -17.60 -8.40
C GLY F 49 -5.61 -16.17 -8.11
N HIS F 50 -6.36 -15.48 -7.28
CA HIS F 50 -5.99 -14.12 -6.89
C HIS F 50 -6.47 -13.79 -5.52
N SER F 51 -5.86 -12.75 -4.96
CA SER F 51 -6.44 -12.04 -3.84
C SER F 51 -7.33 -10.98 -4.45
N PHE F 52 -8.60 -11.33 -4.62
CA PHE F 52 -9.55 -10.42 -5.25
C PHE F 52 -9.96 -9.41 -4.21
N ARG F 53 -9.96 -8.14 -4.58
CA ARG F 53 -10.56 -7.12 -3.71
C ARG F 53 -11.90 -6.74 -4.31
N VAL F 54 -12.91 -6.63 -3.46
CA VAL F 54 -14.20 -6.08 -3.88
C VAL F 54 -14.54 -4.84 -3.04
N ALA F 55 -15.05 -3.81 -3.68
CA ALA F 55 -15.54 -2.65 -2.97
C ALA F 55 -17.03 -2.50 -3.24
N ILE F 56 -17.81 -2.42 -2.17
CA ILE F 56 -19.25 -2.19 -2.21
C ILE F 56 -19.56 -0.73 -1.82
N HIS F 57 -20.26 -0.07 -2.74
CA HIS F 57 -20.59 1.33 -2.61
C HIS F 57 -22.09 1.44 -2.45
N ILE F 58 -22.50 2.41 -1.62
CA ILE F 58 -23.89 2.82 -1.47
C ILE F 58 -23.96 4.34 -1.51
N GLU F 59 -25.12 4.86 -1.85
CA GLU F 59 -25.35 6.29 -1.78
C GLU F 59 -26.62 6.55 -0.98
N GLY F 60 -26.72 7.74 -0.41
CA GLY F 60 -27.91 8.14 0.32
C GLY F 60 -27.66 9.30 1.23
N GLU F 61 -28.69 9.61 2.02
CA GLU F 61 -28.74 10.77 2.89
C GLU F 61 -28.19 10.46 4.26
N VAL F 62 -27.47 11.43 4.81
CA VAL F 62 -26.89 11.31 6.13
C VAL F 62 -27.96 11.63 7.20
N ASP F 63 -28.18 10.71 8.12
CA ASP F 63 -29.10 10.95 9.22
C ASP F 63 -28.57 12.04 10.18
N PRO F 64 -29.44 13.02 10.55
CA PRO F 64 -29.06 14.09 11.47
C PRO F 64 -28.69 13.62 12.88
N HIS F 65 -29.12 12.43 13.28
CA HIS F 65 -28.81 11.94 14.61
C HIS F 65 -27.63 10.94 14.61
N THR F 66 -27.72 9.87 13.82
CA THR F 66 -26.66 8.90 13.74
C THR F 66 -25.39 9.49 13.07
N GLY F 67 -25.59 10.50 12.22
CA GLY F 67 -24.52 11.13 11.48
C GLY F 67 -23.97 10.26 10.34
N TRP F 68 -24.70 9.21 10.00
CA TRP F 68 -24.27 8.33 8.92
C TRP F 68 -25.38 7.93 7.98
N ILE F 69 -25.01 7.32 6.85
CA ILE F 69 -26.02 6.81 5.92
C ILE F 69 -26.45 5.44 6.46
N ARG F 70 -25.43 4.62 6.73
CA ARG F 70 -25.60 3.27 7.17
C ARG F 70 -24.26 2.90 7.80
N ASP F 71 -24.29 2.23 8.96
CA ASP F 71 -23.07 1.74 9.62
C ASP F 71 -22.30 0.85 8.65
N PHE F 72 -20.98 1.08 8.51
CA PHE F 72 -20.11 0.22 7.68
C PHE F 72 -20.29 -1.28 8.00
N ALA F 73 -20.57 -1.60 9.26
CA ALA F 73 -20.65 -2.99 9.72
C ALA F 73 -21.89 -3.66 9.17
N GLU F 74 -22.93 -2.88 8.92
CA GLU F 74 -24.12 -3.40 8.29
C GLU F 74 -23.85 -3.86 6.87
N ILE F 75 -23.15 -3.03 6.08
CA ILE F 75 -22.76 -3.43 4.72
C ILE F 75 -21.99 -4.76 4.76
N LYS F 76 -21.07 -4.88 5.71
CA LYS F 76 -20.30 -6.10 5.92
C LYS F 76 -21.19 -7.30 6.30
N ALA F 77 -22.13 -7.08 7.19
CA ALA F 77 -23.04 -8.15 7.61
C ALA F 77 -23.94 -8.61 6.46
N ILE F 78 -24.32 -7.65 5.62
CA ILE F 78 -25.18 -7.91 4.48
C ILE F 78 -24.44 -8.75 3.43
N PHE F 79 -23.20 -8.37 3.15
CA PHE F 79 -22.35 -9.05 2.17
C PHE F 79 -21.88 -10.45 2.59
N LYS F 80 -21.68 -10.65 3.89
CA LYS F 80 -21.15 -11.90 4.44
C LYS F 80 -21.60 -13.25 3.79
N PRO F 81 -22.91 -13.49 3.56
CA PRO F 81 -23.24 -14.77 2.90
C PRO F 81 -22.70 -14.91 1.46
N ILE F 82 -22.66 -13.79 0.71
CA ILE F 82 -22.09 -13.73 -0.63
C ILE F 82 -20.55 -13.87 -0.58
N TYR F 83 -19.91 -13.06 0.27
CA TYR F 83 -18.47 -13.16 0.52
C TYR F 83 -18.03 -14.61 0.81
N GLU F 84 -18.81 -15.32 1.62
CA GLU F 84 -18.42 -16.67 2.07
C GLU F 84 -18.55 -17.76 0.98
N GLN F 85 -19.42 -17.53 -0.01
CA GLN F 85 -19.44 -18.29 -1.24
C GLN F 85 -18.15 -18.09 -2.02
N LEU F 86 -17.68 -16.84 -2.08
CA LEU F 86 -16.55 -16.49 -2.92
C LEU F 86 -15.21 -16.87 -2.32
N ASP F 87 -15.04 -16.57 -1.03
CA ASP F 87 -13.75 -16.70 -0.40
C ASP F 87 -13.33 -18.15 -0.18
N HIS F 88 -12.05 -18.42 -0.42
CA HIS F 88 -11.44 -19.76 -0.28
C HIS F 88 -12.21 -20.81 -1.07
N ASN F 89 -12.59 -20.45 -2.28
CA ASN F 89 -13.30 -21.35 -3.16
C ASN F 89 -12.83 -21.23 -4.59
N TYR F 90 -13.25 -22.18 -5.42
CA TYR F 90 -13.03 -22.16 -6.85
C TYR F 90 -14.25 -21.48 -7.47
N LEU F 91 -14.05 -20.28 -8.03
CA LEU F 91 -15.19 -19.51 -8.55
C LEU F 91 -16.02 -20.21 -9.63
N ASN F 92 -15.37 -20.95 -10.53
CA ASN F 92 -16.06 -21.61 -11.65
C ASN F 92 -17.20 -22.54 -11.23
N ASP F 93 -17.04 -23.16 -10.07
CA ASP F 93 -18.05 -24.04 -9.46
C ASP F 93 -19.29 -23.27 -8.96
N ILE F 94 -19.19 -21.94 -8.88
CA ILE F 94 -20.35 -21.12 -8.49
C ILE F 94 -21.30 -20.88 -9.68
N PRO F 95 -22.59 -21.23 -9.52
CA PRO F 95 -23.60 -20.91 -10.53
C PRO F 95 -23.68 -19.40 -10.81
N GLY F 96 -23.65 -19.04 -12.09
CA GLY F 96 -23.67 -17.65 -12.54
C GLY F 96 -22.28 -17.19 -12.94
N LEU F 97 -21.30 -17.97 -12.52
CA LEU F 97 -19.88 -17.62 -12.63
C LEU F 97 -19.12 -18.67 -13.44
N GLU F 98 -19.77 -19.18 -14.48
CA GLU F 98 -19.22 -20.21 -15.37
C GLU F 98 -18.09 -19.63 -16.23
N ASN F 99 -17.99 -18.31 -16.22
CA ASN F 99 -16.96 -17.54 -16.87
C ASN F 99 -16.56 -16.43 -15.90
N PRO F 100 -15.69 -16.74 -14.93
CA PRO F 100 -15.51 -15.81 -13.82
C PRO F 100 -14.44 -14.77 -14.14
N THR F 101 -14.76 -13.87 -15.08
CA THR F 101 -13.93 -12.69 -15.35
C THR F 101 -14.29 -11.62 -14.32
N SER F 102 -13.49 -10.57 -14.23
CA SER F 102 -13.83 -9.45 -13.34
C SER F 102 -15.21 -8.84 -13.69
N GLU F 103 -15.46 -8.73 -14.98
CA GLU F 103 -16.75 -8.26 -15.52
C GLU F 103 -17.94 -9.10 -15.04
N ASN F 104 -17.90 -10.40 -15.29
CA ASN F 104 -18.99 -11.31 -14.86
C ASN F 104 -19.15 -11.40 -13.34
N LEU F 105 -18.04 -11.33 -12.63
CA LEU F 105 -18.00 -11.30 -11.19
C LEU F 105 -18.54 -9.98 -10.63
N CYS F 106 -18.38 -8.88 -11.37
CA CYS F 106 -19.03 -7.63 -11.00
C CYS F 106 -20.56 -7.72 -11.15
N ARG F 107 -21.00 -8.16 -12.31
CA ARG F 107 -22.42 -8.34 -12.58
C ARG F 107 -23.06 -9.32 -11.60
N TRP F 108 -22.31 -10.35 -11.22
CA TRP F 108 -22.79 -11.41 -10.33
C TRP F 108 -22.93 -10.94 -8.89
N ILE F 109 -21.88 -10.33 -8.36
CA ILE F 109 -21.94 -9.68 -7.04
C ILE F 109 -23.11 -8.69 -6.96
N TRP F 110 -23.27 -7.83 -7.99
CA TRP F 110 -24.40 -6.86 -8.08
C TRP F 110 -25.77 -7.55 -7.97
N GLN F 111 -26.02 -8.53 -8.82
CA GLN F 111 -27.25 -9.30 -8.85
C GLN F 111 -27.62 -9.94 -7.50
N GLN F 112 -26.61 -10.45 -6.79
CA GLN F 112 -26.82 -11.04 -5.47
C GLN F 112 -27.08 -9.98 -4.41
N LEU F 113 -26.38 -8.85 -4.52
CA LEU F 113 -26.38 -7.84 -3.50
C LEU F 113 -27.57 -6.88 -3.58
N LYS F 114 -28.02 -6.58 -4.80
CA LYS F 114 -28.99 -5.51 -5.00
C LYS F 114 -30.32 -5.66 -4.22
N PRO F 115 -30.94 -6.86 -4.23
CA PRO F 115 -32.15 -7.08 -3.41
C PRO F 115 -31.98 -6.88 -1.90
N LEU F 116 -30.77 -7.06 -1.39
CA LEU F 116 -30.48 -7.01 0.05
C LEU F 116 -30.09 -5.60 0.52
N LEU F 117 -29.59 -4.80 -0.41
CA LEU F 117 -29.01 -3.50 -0.07
C LEU F 117 -29.44 -2.55 -1.15
N PRO F 118 -30.66 -2.00 -1.02
CA PRO F 118 -31.23 -1.19 -2.11
C PRO F 118 -30.37 0.02 -2.50
N GLU F 119 -29.69 0.65 -1.54
CA GLU F 119 -28.86 1.82 -1.84
C GLU F 119 -27.57 1.52 -2.62
N LEU F 120 -27.36 0.25 -2.95
CA LEU F 120 -26.15 -0.16 -3.67
C LEU F 120 -26.01 0.70 -4.91
N SER F 121 -24.82 1.25 -5.11
CA SER F 121 -24.61 2.15 -6.27
C SER F 121 -23.46 1.73 -7.19
N LYS F 122 -22.53 0.95 -6.65
CA LYS F 122 -21.36 0.50 -7.40
C LYS F 122 -20.73 -0.78 -6.81
N VAL F 123 -20.32 -1.69 -7.67
CA VAL F 123 -19.48 -2.81 -7.26
C VAL F 123 -18.15 -2.71 -8.04
N ARG F 124 -17.05 -2.86 -7.32
CA ARG F 124 -15.74 -2.64 -7.85
C ARG F 124 -14.93 -3.89 -7.52
N VAL F 125 -14.35 -4.50 -8.55
CA VAL F 125 -13.62 -5.76 -8.39
C VAL F 125 -12.21 -5.54 -8.93
N HIS F 126 -11.21 -5.97 -8.15
CA HIS F 126 -9.79 -5.92 -8.54
C HIS F 126 -9.19 -7.31 -8.52
N GLU F 127 -8.89 -7.83 -9.70
CA GLU F 127 -8.31 -9.16 -9.80
C GLU F 127 -6.86 -9.11 -9.34
N THR F 128 -6.18 -8.03 -9.71
CA THR F 128 -4.84 -7.75 -9.20
C THR F 128 -4.69 -6.33 -8.64
N CYS F 129 -3.48 -6.07 -8.15
CA CYS F 129 -3.11 -4.79 -7.56
C CYS F 129 -2.97 -3.67 -8.60
N THR F 130 -2.90 -4.02 -9.89
CA THR F 130 -2.84 -3.00 -10.94
C THR F 130 -3.99 -3.07 -11.96
N SER F 131 -5.11 -3.67 -11.56
CA SER F 131 -6.25 -3.78 -12.48
C SER F 131 -7.60 -3.65 -11.76
N GLY F 132 -8.68 -3.60 -12.51
CA GLY F 132 -9.96 -3.27 -11.92
C GLY F 132 -11.14 -3.26 -12.87
N CYS F 133 -12.32 -3.42 -12.27
CA CYS F 133 -13.59 -3.40 -12.97
C CYS F 133 -14.65 -2.74 -12.08
N GLU F 134 -15.56 -2.04 -12.70
CA GLU F 134 -16.48 -1.18 -11.99
C GLU F 134 -17.84 -1.23 -12.68
N TYR F 135 -18.86 -1.61 -11.91
CA TYR F 135 -20.21 -1.79 -12.42
C TYR F 135 -21.24 -1.03 -11.58
N ARG F 136 -22.29 -0.57 -12.25
CA ARG F 136 -23.35 0.23 -11.61
C ARG F 136 -24.79 -0.24 -11.91
N GLY F 137 -24.92 -1.50 -12.33
CA GLY F 137 -26.24 -2.09 -12.63
C GLY F 137 -26.76 -1.77 -14.02
N ASP F 138 -27.87 -2.43 -14.38
CA ASP F 138 -28.66 -2.05 -15.56
C ASP F 138 -29.82 -1.18 -15.10
#